data_8HSV
#
_entry.id   8HSV
#
_cell.length_a   80.673
_cell.length_b   80.673
_cell.length_c   173.555
_cell.angle_alpha   90.00
_cell.angle_beta   90.00
_cell.angle_gamma   120.00
#
_symmetry.space_group_name_H-M   'P 32'
#
loop_
_entity.id
_entity.type
_entity.pdbx_description
1 polymer Beta-arrestin-1
2 polymer 'peptide from E3 ubiquitin-protein ligase Mdm2'
3 non-polymer 'SULFATE ION'
4 water water
#
loop_
_entity_poly.entity_id
_entity_poly.type
_entity_poly.pdbx_seq_one_letter_code
_entity_poly.pdbx_strand_id
1 'polypeptide(L)'
;MGSSHHHHHHSSGLVPRGSHMGDKGTRVFKKASPNGKLTVYLGKRDFVDHIDLVDPVDGVVLVDPEYLKERRVYVTLTVA
FRYGREDLDVLGLTFRKDLFVANVQSFPPAPEDKKPLTRLQERLIKKLGEHAYPFTFEIPPNLPSSVTLQPGPEDTGKAL
GVDYEVKAFVAENLEEKIHKRNSVRLVIRKVQYAPERPGPQPTAETTRQFLMSDKPLHLEASLDKEIYYHGEPISVNVHV
TNNTNKTVKKIKISVRQYADIVLFNTAQYKVPVAMEEADDTVAPSSTFSKVYTLTPFLANNREKRGLALDGKLKHEDTNL
ASSTLLREGANREILGIIVSYKVKVKLVVSRGGLLGDLASSDVAVELPFTLMHPKPKEEPPHREVPESETPVDTNLIELD
TNDDDIVFEDFARQ
;
A,B
2 'polypeptide(L)' DLDDGVSDHSADCLDQDS E,F
#
# COMPACT_ATOMS: atom_id res chain seq x y z
N LYS A 24 1.91 -36.22 17.84
CA LYS A 24 2.64 -37.11 16.93
C LYS A 24 3.26 -36.36 15.72
N GLY A 25 4.25 -35.51 16.00
CA GLY A 25 4.94 -34.76 14.97
C GLY A 25 4.15 -33.62 14.36
N THR A 26 2.94 -33.35 14.88
CA THR A 26 1.93 -32.59 14.16
C THR A 26 2.19 -31.08 14.13
N ARG A 27 2.14 -30.50 12.93
CA ARG A 27 2.34 -29.08 12.73
C ARG A 27 1.10 -28.28 13.11
N VAL A 28 1.31 -27.16 13.81
CA VAL A 28 0.25 -26.19 14.07
C VAL A 28 0.77 -24.80 13.77
N PHE A 29 0.06 -24.07 12.92
CA PHE A 29 0.49 -22.77 12.45
C PHE A 29 -0.19 -21.68 13.30
N LYS A 30 0.51 -20.61 13.62
CA LYS A 30 -0.02 -19.56 14.50
C LYS A 30 0.29 -18.18 14.06
N LYS A 31 -0.53 -17.20 14.39
CA LYS A 31 -0.13 -15.83 14.10
C LYS A 31 -0.70 -14.99 15.21
N ALA A 32 -0.03 -13.90 15.49
CA ALA A 32 -0.48 -13.05 16.57
C ALA A 32 -0.75 -11.64 16.21
N SER A 33 -1.58 -10.99 17.01
CA SER A 33 -1.89 -9.60 16.73
C SER A 33 -0.60 -8.77 16.83
N PRO A 34 -0.57 -7.60 16.19
CA PRO A 34 0.62 -6.77 16.34
C PRO A 34 1.02 -6.59 17.79
N ASN A 35 0.07 -6.25 18.66
CA ASN A 35 0.41 -6.04 20.07
C ASN A 35 0.49 -7.37 20.84
N GLY A 36 0.65 -8.47 20.11
CA GLY A 36 0.83 -9.79 20.67
C GLY A 36 -0.21 -10.26 21.67
N LYS A 37 -1.34 -9.56 21.80
CA LYS A 37 -2.31 -10.03 22.78
C LYS A 37 -3.10 -11.22 22.24
N LEU A 38 -3.59 -11.11 21.02
CA LEU A 38 -4.48 -12.12 20.45
C LEU A 38 -3.67 -13.07 19.58
N THR A 39 -3.91 -14.37 19.72
CA THR A 39 -3.18 -15.36 18.95
C THR A 39 -4.12 -16.42 18.40
N VAL A 40 -3.96 -16.76 17.11
CA VAL A 40 -4.83 -17.70 16.42
C VAL A 40 -3.99 -18.91 16.01
N TYR A 41 -4.59 -20.10 16.11
CA TYR A 41 -3.92 -21.35 15.74
C TYR A 41 -4.79 -22.15 14.77
N LEU A 42 -4.13 -22.71 13.74
CA LEU A 42 -4.81 -23.49 12.72
C LEU A 42 -3.93 -24.68 12.34
N GLY A 43 -4.57 -25.83 12.10
CA GLY A 43 -3.85 -27.05 11.79
C GLY A 43 -3.33 -27.15 10.37
N LYS A 44 -3.88 -26.34 9.47
CA LYS A 44 -3.47 -26.32 8.07
C LYS A 44 -3.57 -24.89 7.56
N ARG A 45 -2.80 -24.60 6.51
CA ARG A 45 -3.04 -23.37 5.77
C ARG A 45 -3.98 -23.58 4.59
N ASP A 46 -4.03 -24.79 4.05
CA ASP A 46 -4.77 -25.11 2.84
C ASP A 46 -5.89 -26.06 3.19
N PHE A 47 -7.09 -25.79 2.69
CA PHE A 47 -8.27 -26.58 3.06
C PHE A 47 -8.88 -27.15 1.80
N VAL A 48 -8.84 -28.49 1.69
CA VAL A 48 -9.15 -29.13 0.42
C VAL A 48 -10.66 -29.26 0.25
N ASP A 49 -11.15 -28.86 -0.92
CA ASP A 49 -12.52 -29.12 -1.32
C ASP A 49 -12.54 -30.49 -1.97
N HIS A 50 -13.16 -31.44 -1.31
CA HIS A 50 -13.59 -32.69 -1.92
C HIS A 50 -15.01 -32.41 -2.37
N ILE A 51 -15.31 -32.66 -3.64
CA ILE A 51 -16.45 -31.98 -4.28
C ILE A 51 -17.69 -31.89 -3.38
N ASP A 52 -18.01 -32.99 -2.69
CA ASP A 52 -19.15 -32.99 -1.77
C ASP A 52 -18.97 -32.02 -0.60
N LEU A 53 -17.73 -31.83 -0.13
CA LEU A 53 -17.47 -31.18 1.14
C LEU A 53 -16.01 -30.72 1.24
N VAL A 54 -15.83 -29.48 1.73
CA VAL A 54 -14.51 -28.93 2.02
C VAL A 54 -14.12 -29.34 3.43
N ASP A 55 -12.83 -29.57 3.70
CA ASP A 55 -12.52 -29.83 5.10
C ASP A 55 -12.67 -28.54 5.91
N PRO A 56 -13.28 -28.61 7.08
CA PRO A 56 -13.69 -27.39 7.78
C PRO A 56 -12.50 -26.63 8.37
N VAL A 57 -12.72 -25.33 8.54
CA VAL A 57 -11.75 -24.43 9.16
C VAL A 57 -11.96 -24.51 10.66
N ASP A 58 -11.21 -25.38 11.29
CA ASP A 58 -11.23 -25.59 12.73
C ASP A 58 -10.00 -24.93 13.34
N GLY A 59 -10.23 -24.06 14.32
CA GLY A 59 -9.14 -23.30 14.87
C GLY A 59 -9.39 -22.96 16.33
N VAL A 60 -8.38 -22.31 16.91
CA VAL A 60 -8.33 -21.96 18.32
C VAL A 60 -7.80 -20.54 18.46
N VAL A 61 -8.34 -19.80 19.41
CA VAL A 61 -7.94 -18.44 19.70
C VAL A 61 -7.59 -18.33 21.19
N LEU A 62 -6.38 -17.85 21.48
CA LEU A 62 -5.87 -17.71 22.84
C LEU A 62 -5.87 -16.23 23.20
N VAL A 63 -6.74 -15.87 24.14
CA VAL A 63 -7.08 -14.47 24.39
C VAL A 63 -6.60 -14.07 25.78
N ASP A 64 -6.24 -12.80 25.90
CA ASP A 64 -5.80 -12.15 27.13
C ASP A 64 -6.92 -11.26 27.65
N PRO A 65 -7.71 -11.71 28.64
CA PRO A 65 -8.86 -10.92 29.09
C PRO A 65 -8.51 -9.61 29.75
N GLU A 66 -7.24 -9.28 29.86
CA GLU A 66 -6.83 -8.13 30.65
C GLU A 66 -6.33 -6.96 29.79
N TYR A 67 -6.24 -7.14 28.47
CA TYR A 67 -6.54 -6.04 27.57
C TYR A 67 -8.04 -6.07 27.36
N LEU A 68 -8.69 -4.93 27.59
CA LEU A 68 -10.06 -4.69 27.11
C LEU A 68 -10.99 -5.82 27.56
N LYS A 69 -11.15 -5.94 28.88
CA LYS A 69 -11.78 -7.13 29.45
C LYS A 69 -13.25 -7.24 29.06
N GLU A 70 -13.97 -6.11 29.01
CA GLU A 70 -15.37 -6.15 28.59
C GLU A 70 -15.52 -6.67 27.17
N ARG A 71 -14.50 -6.44 26.33
CA ARG A 71 -14.58 -6.74 24.92
C ARG A 71 -14.64 -8.25 24.67
N ARG A 72 -15.20 -8.59 23.51
CA ARG A 72 -15.32 -9.95 23.02
C ARG A 72 -14.24 -10.19 21.95
N VAL A 73 -14.00 -11.46 21.65
CA VAL A 73 -13.23 -11.77 20.46
C VAL A 73 -14.14 -12.43 19.44
N TYR A 74 -14.00 -12.00 18.20
CA TYR A 74 -14.71 -12.54 17.07
C TYR A 74 -13.73 -13.07 16.04
N VAL A 75 -14.18 -14.02 15.24
CA VAL A 75 -13.44 -14.48 14.07
C VAL A 75 -14.38 -14.49 12.87
N THR A 76 -13.82 -14.19 11.69
CA THR A 76 -14.56 -13.97 10.46
C THR A 76 -13.87 -14.64 9.29
N LEU A 77 -14.64 -15.40 8.52
CA LEU A 77 -14.19 -15.91 7.22
C LEU A 77 -14.85 -15.07 6.13
N THR A 78 -14.02 -14.49 5.24
CA THR A 78 -14.49 -13.63 4.14
C THR A 78 -13.97 -14.17 2.82
N VAL A 79 -14.86 -14.70 1.99
CA VAL A 79 -14.55 -15.20 0.65
C VAL A 79 -15.10 -14.18 -0.34
N ALA A 80 -14.21 -13.51 -1.05
CA ALA A 80 -14.62 -12.43 -1.91
C ALA A 80 -13.78 -12.46 -3.17
N PHE A 81 -14.39 -12.06 -4.29
CA PHE A 81 -13.66 -11.73 -5.51
C PHE A 81 -13.29 -10.27 -5.43
N ARG A 82 -12.02 -9.96 -5.69
CA ARG A 82 -11.52 -8.59 -5.61
C ARG A 82 -10.80 -8.26 -6.90
N TYR A 83 -10.74 -6.97 -7.22
CA TYR A 83 -10.18 -6.53 -8.48
C TYR A 83 -9.59 -5.14 -8.32
N GLY A 84 -8.31 -5.02 -8.65
CA GLY A 84 -7.65 -3.74 -8.86
C GLY A 84 -6.29 -3.49 -8.26
N ARG A 85 -5.96 -3.92 -7.04
CA ARG A 85 -4.55 -4.13 -6.67
C ARG A 85 -4.42 -5.28 -5.66
N GLU A 86 -5.06 -6.42 -5.94
CA GLU A 86 -5.48 -7.34 -4.88
C GLU A 86 -4.45 -7.63 -3.78
N ASP A 87 -4.82 -7.16 -2.60
CA ASP A 87 -4.18 -7.13 -1.29
C ASP A 87 -5.34 -6.98 -0.29
N LEU A 88 -5.06 -6.55 0.94
CA LEU A 88 -6.10 -5.82 1.66
C LEU A 88 -5.63 -4.36 1.79
N ASP A 89 -5.97 -3.56 0.76
CA ASP A 89 -5.76 -2.12 0.78
C ASP A 89 -6.95 -1.44 0.11
N VAL A 90 -7.02 -0.13 0.35
CA VAL A 90 -8.04 0.75 -0.21
C VAL A 90 -7.54 1.44 -1.48
N LEU A 91 -6.35 2.07 -1.41
CA LEU A 91 -5.65 2.59 -2.58
C LEU A 91 -5.27 1.41 -3.46
N GLY A 92 -5.94 1.27 -4.59
CA GLY A 92 -6.29 -0.06 -5.07
C GLY A 92 -7.78 -0.24 -5.31
N LEU A 93 -8.43 -1.04 -4.47
CA LEU A 93 -9.63 -1.81 -4.81
C LEU A 93 -10.63 -1.05 -5.67
N THR A 94 -10.91 -1.62 -6.83
CA THR A 94 -11.88 -1.13 -7.80
C THR A 94 -13.15 -1.96 -7.86
N PHE A 95 -13.09 -3.26 -7.62
CA PHE A 95 -14.29 -4.08 -7.61
C PHE A 95 -14.17 -5.09 -6.49
N ARG A 96 -15.30 -5.34 -5.82
CA ARG A 96 -15.40 -6.37 -4.79
C ARG A 96 -16.81 -6.95 -4.79
N LYS A 97 -16.87 -8.27 -4.81
CA LYS A 97 -18.12 -9.01 -4.72
C LYS A 97 -17.96 -10.01 -3.59
N ASP A 98 -18.91 -10.02 -2.67
CA ASP A 98 -18.89 -10.93 -1.53
C ASP A 98 -19.43 -12.26 -1.97
N LEU A 99 -18.75 -13.33 -1.59
CA LEU A 99 -19.19 -14.67 -1.95
C LEU A 99 -19.59 -15.51 -0.75
N PHE A 100 -18.99 -15.29 0.41
CA PHE A 100 -19.30 -16.04 1.62
C PHE A 100 -18.77 -15.27 2.80
N VAL A 101 -19.57 -15.17 3.88
CA VAL A 101 -19.11 -14.62 5.16
C VAL A 101 -19.68 -15.43 6.32
N ALA A 102 -18.91 -15.51 7.41
CA ALA A 102 -19.33 -16.23 8.59
C ALA A 102 -18.72 -15.56 9.80
N ASN A 103 -19.55 -15.23 10.79
CA ASN A 103 -19.11 -14.51 11.99
C ASN A 103 -19.28 -15.41 13.20
N VAL A 104 -18.21 -15.57 13.97
CA VAL A 104 -18.21 -16.44 15.14
C VAL A 104 -17.79 -15.61 16.34
N GLN A 105 -18.59 -15.66 17.40
CA GLN A 105 -18.23 -15.05 18.68
C GLN A 105 -17.49 -16.10 19.47
N SER A 106 -16.18 -15.93 19.62
CA SER A 106 -15.33 -17.01 20.08
C SER A 106 -15.00 -16.99 21.58
N PHE A 107 -14.73 -15.81 22.16
CA PHE A 107 -14.23 -15.76 23.53
C PHE A 107 -15.33 -16.02 24.55
N PRO A 108 -16.50 -15.38 24.45
CA PRO A 108 -17.62 -15.87 25.20
C PRO A 108 -18.22 -17.06 24.46
N PRO A 109 -18.10 -18.27 25.02
CA PRO A 109 -18.52 -19.44 24.26
C PRO A 109 -20.03 -19.48 24.11
N ALA A 110 -20.52 -18.64 23.18
CA ALA A 110 -21.94 -18.35 23.03
C ALA A 110 -22.69 -19.62 22.62
N PRO A 111 -24.03 -19.64 22.85
CA PRO A 111 -24.81 -20.84 22.47
C PRO A 111 -24.52 -21.24 21.03
N GLU A 112 -23.88 -22.39 20.90
CA GLU A 112 -23.23 -22.76 19.66
C GLU A 112 -24.24 -23.32 18.68
N ASP A 113 -23.79 -23.48 17.44
CA ASP A 113 -24.55 -24.32 16.53
C ASP A 113 -24.56 -25.76 17.04
N LYS A 114 -23.60 -26.08 17.91
CA LYS A 114 -23.48 -27.40 18.55
C LYS A 114 -23.26 -28.51 17.53
N LYS A 115 -22.27 -28.30 16.62
CA LYS A 115 -21.52 -29.32 15.90
C LYS A 115 -20.22 -29.60 16.66
N PRO A 116 -19.92 -30.84 17.02
CA PRO A 116 -18.94 -31.13 18.10
C PRO A 116 -17.55 -30.57 17.83
N LEU A 117 -16.72 -30.61 18.88
CA LEU A 117 -15.36 -30.12 18.83
C LEU A 117 -14.46 -31.14 18.13
N THR A 118 -13.23 -30.71 17.79
CA THR A 118 -12.31 -31.54 17.02
C THR A 118 -11.01 -31.80 17.79
N ARG A 119 -10.37 -32.92 17.42
CA ARG A 119 -9.26 -33.46 18.19
C ARG A 119 -8.14 -32.43 18.35
N LEU A 120 -7.90 -31.65 17.31
CA LEU A 120 -6.91 -30.59 17.41
C LEU A 120 -7.38 -29.47 18.32
N GLN A 121 -8.69 -29.18 18.31
CA GLN A 121 -9.23 -28.13 19.16
C GLN A 121 -9.05 -28.49 20.64
N GLU A 122 -9.44 -29.71 21.03
CA GLU A 122 -9.23 -30.18 22.39
C GLU A 122 -7.75 -30.21 22.74
N ARG A 123 -6.95 -30.88 21.91
CA ARG A 123 -5.51 -30.95 22.11
C ARG A 123 -4.89 -29.57 22.22
N LEU A 124 -5.53 -28.57 21.62
CA LEU A 124 -5.01 -27.21 21.73
C LEU A 124 -5.44 -26.57 23.04
N ILE A 125 -6.74 -26.64 23.35
CA ILE A 125 -7.20 -26.08 24.61
C ILE A 125 -6.63 -26.89 25.77
N LYS A 126 -6.38 -28.19 25.56
CA LYS A 126 -5.68 -28.95 26.59
C LYS A 126 -4.25 -28.47 26.74
N LYS A 127 -3.66 -27.89 25.69
CA LYS A 127 -2.29 -27.39 25.77
C LYS A 127 -2.23 -25.91 26.09
N LEU A 128 -3.03 -25.08 25.41
CA LEU A 128 -2.82 -23.64 25.48
C LEU A 128 -3.37 -23.03 26.77
N GLY A 129 -4.45 -23.60 27.32
CA GLY A 129 -5.06 -23.09 28.53
C GLY A 129 -6.57 -23.05 28.39
N GLU A 130 -7.21 -22.45 29.39
CA GLU A 130 -8.63 -22.12 29.33
C GLU A 130 -8.88 -20.68 28.94
N HIS A 131 -7.83 -19.91 28.68
CA HIS A 131 -7.96 -18.64 27.96
C HIS A 131 -8.05 -18.84 26.45
N ALA A 132 -7.89 -20.07 25.97
CA ALA A 132 -7.97 -20.40 24.55
C ALA A 132 -9.35 -21.00 24.26
N TYR A 133 -10.02 -20.42 23.26
CA TYR A 133 -11.37 -20.78 22.85
C TYR A 133 -11.43 -21.07 21.35
N PRO A 134 -12.20 -22.09 20.94
CA PRO A 134 -12.20 -22.49 19.54
C PRO A 134 -13.13 -21.63 18.68
N PHE A 135 -12.98 -21.83 17.38
CA PHE A 135 -13.90 -21.33 16.35
C PHE A 135 -13.89 -22.34 15.22
N THR A 136 -15.03 -22.48 14.55
CA THR A 136 -15.11 -23.37 13.42
C THR A 136 -15.92 -22.70 12.33
N PHE A 137 -15.45 -22.84 11.08
CA PHE A 137 -16.17 -22.42 9.89
C PHE A 137 -16.36 -23.62 8.98
N GLU A 138 -17.53 -23.76 8.36
CA GLU A 138 -17.81 -24.82 7.41
C GLU A 138 -18.02 -24.18 6.03
N ILE A 139 -17.08 -24.44 5.11
CA ILE A 139 -17.09 -23.74 3.84
C ILE A 139 -18.05 -24.42 2.87
N PRO A 140 -18.99 -23.69 2.29
CA PRO A 140 -19.95 -24.33 1.40
C PRO A 140 -19.25 -25.02 0.25
N PRO A 141 -19.80 -26.11 -0.26
CA PRO A 141 -19.34 -26.65 -1.53
C PRO A 141 -19.80 -25.76 -2.67
N ASN A 142 -19.08 -25.85 -3.79
CA ASN A 142 -19.29 -25.10 -5.03
C ASN A 142 -18.83 -23.65 -4.96
N LEU A 143 -18.07 -23.28 -3.94
CA LEU A 143 -17.49 -21.95 -4.00
C LEU A 143 -16.13 -21.99 -4.70
N PRO A 144 -15.69 -20.90 -5.34
CA PRO A 144 -14.45 -20.96 -6.13
C PRO A 144 -13.20 -21.04 -5.27
N SER A 145 -12.28 -21.91 -5.65
CA SER A 145 -11.05 -22.09 -4.91
C SER A 145 -10.20 -20.83 -5.01
N SER A 146 -9.18 -20.74 -4.17
CA SER A 146 -8.33 -19.56 -4.17
C SER A 146 -7.64 -19.46 -5.52
N VAL A 147 -7.56 -18.23 -6.03
CA VAL A 147 -6.99 -17.97 -7.36
C VAL A 147 -6.65 -16.50 -7.45
N THR A 148 -5.52 -16.19 -8.10
CA THR A 148 -5.04 -14.84 -8.30
C THR A 148 -4.53 -14.73 -9.74
N LEU A 149 -4.47 -13.50 -10.26
CA LEU A 149 -4.01 -13.25 -11.64
C LEU A 149 -3.66 -11.78 -11.84
N GLN A 150 -2.50 -11.50 -12.46
CA GLN A 150 -2.01 -10.13 -12.67
C GLN A 150 -1.97 -9.70 -14.14
N PRO A 151 -3.04 -9.10 -14.67
CA PRO A 151 -3.18 -8.85 -16.11
C PRO A 151 -2.53 -7.56 -16.61
N GLY A 152 -2.81 -7.24 -17.89
CA GLY A 152 -2.45 -5.98 -18.49
C GLY A 152 -1.38 -6.00 -19.57
N PRO A 153 -1.38 -7.04 -20.45
CA PRO A 153 -0.21 -7.27 -21.34
C PRO A 153 0.28 -6.03 -22.06
N GLU A 154 -0.62 -5.42 -22.82
CA GLU A 154 -0.48 -4.06 -23.32
C GLU A 154 -1.72 -3.24 -23.06
N ASP A 155 -2.87 -3.88 -22.83
CA ASP A 155 -4.14 -3.26 -22.52
C ASP A 155 -4.33 -3.19 -21.00
N THR A 156 -5.54 -2.79 -20.58
CA THR A 156 -5.85 -2.57 -19.18
C THR A 156 -6.10 -3.92 -18.50
N GLY A 157 -6.59 -3.86 -17.26
CA GLY A 157 -6.84 -5.05 -16.46
C GLY A 157 -5.89 -5.13 -15.28
N LYS A 158 -6.43 -5.11 -14.06
CA LYS A 158 -5.64 -4.99 -12.85
C LYS A 158 -5.65 -6.29 -12.05
N ALA A 159 -4.77 -6.38 -11.05
CA ALA A 159 -4.62 -7.61 -10.27
C ALA A 159 -5.94 -8.02 -9.61
N LEU A 160 -6.27 -9.31 -9.70
CA LEU A 160 -7.60 -9.76 -9.32
C LEU A 160 -7.48 -11.17 -8.79
N GLY A 161 -8.45 -11.57 -7.98
CA GLY A 161 -8.50 -12.94 -7.50
C GLY A 161 -9.67 -13.18 -6.58
N VAL A 162 -9.78 -14.43 -6.15
CA VAL A 162 -10.65 -14.86 -5.06
C VAL A 162 -9.74 -15.23 -3.91
N ASP A 163 -9.89 -14.58 -2.75
CA ASP A 163 -9.09 -14.96 -1.59
C ASP A 163 -9.97 -15.22 -0.37
N TYR A 164 -9.48 -16.13 0.48
CA TYR A 164 -10.15 -16.57 1.70
C TYR A 164 -9.44 -15.92 2.91
N GLU A 165 -10.06 -14.92 3.51
CA GLU A 165 -9.45 -14.22 4.64
C GLU A 165 -10.15 -14.60 5.94
N VAL A 166 -9.39 -15.12 6.89
CA VAL A 166 -9.87 -15.31 8.25
C VAL A 166 -9.22 -14.25 9.13
N LYS A 167 -10.03 -13.57 9.92
CA LYS A 167 -9.50 -12.49 10.74
C LYS A 167 -10.11 -12.57 12.13
N ALA A 168 -9.26 -12.68 13.14
CA ALA A 168 -9.66 -12.58 14.53
C ALA A 168 -9.38 -11.17 15.05
N PHE A 169 -10.31 -10.63 15.84
CA PHE A 169 -10.17 -9.27 16.29
C PHE A 169 -10.91 -9.09 17.61
N VAL A 170 -10.39 -8.19 18.45
CA VAL A 170 -11.03 -7.81 19.72
C VAL A 170 -11.81 -6.52 19.50
N ALA A 171 -13.09 -6.53 19.86
CA ALA A 171 -13.93 -5.37 19.62
C ALA A 171 -15.08 -5.35 20.63
N GLU A 172 -15.64 -4.16 20.84
CA GLU A 172 -16.87 -4.06 21.61
C GLU A 172 -17.98 -4.87 20.95
N ASN A 173 -18.06 -4.81 19.62
CA ASN A 173 -19.11 -5.38 18.79
C ASN A 173 -18.68 -5.28 17.33
N LEU A 174 -19.19 -6.20 16.52
CA LEU A 174 -18.87 -6.23 15.08
C LEU A 174 -19.20 -4.93 14.38
N GLU A 175 -19.91 -4.03 15.06
CA GLU A 175 -20.32 -2.77 14.49
C GLU A 175 -19.12 -1.85 14.25
N GLU A 176 -18.40 -1.54 15.31
CA GLU A 176 -17.37 -0.51 15.22
C GLU A 176 -16.02 -1.07 14.80
N LYS A 177 -15.29 -0.24 14.06
CA LYS A 177 -14.28 -0.70 13.12
C LYS A 177 -13.14 -1.43 13.83
N ILE A 178 -12.52 -2.33 13.09
CA ILE A 178 -11.35 -3.07 13.51
C ILE A 178 -10.11 -2.19 13.45
N HIS A 179 -9.18 -2.43 14.36
CA HIS A 179 -7.95 -1.68 14.47
C HIS A 179 -6.77 -2.63 14.29
N LYS A 180 -5.69 -2.10 13.71
CA LYS A 180 -4.51 -2.91 13.39
C LYS A 180 -3.96 -3.67 14.60
N ARG A 181 -4.05 -3.06 15.79
CA ARG A 181 -3.36 -3.60 16.97
C ARG A 181 -3.86 -4.99 17.36
N ASN A 182 -5.19 -5.17 17.45
CA ASN A 182 -5.78 -6.41 17.96
C ASN A 182 -6.01 -7.45 16.89
N SER A 183 -6.11 -7.03 15.62
CA SER A 183 -6.61 -7.90 14.57
C SER A 183 -5.49 -8.76 14.00
N VAL A 184 -5.75 -10.06 13.95
CA VAL A 184 -4.91 -11.02 13.24
C VAL A 184 -5.62 -11.32 11.93
N ARG A 185 -4.93 -11.20 10.81
CA ARG A 185 -5.52 -11.45 9.50
C ARG A 185 -4.75 -12.57 8.82
N LEU A 186 -5.41 -13.70 8.62
CA LEU A 186 -4.80 -14.83 7.95
C LEU A 186 -5.51 -15.06 6.63
N VAL A 187 -4.74 -15.17 5.56
CA VAL A 187 -5.26 -15.55 4.25
C VAL A 187 -4.95 -17.04 4.08
N ILE A 188 -5.95 -17.86 4.38
CA ILE A 188 -5.88 -19.30 4.19
C ILE A 188 -6.08 -19.59 2.71
N ARG A 189 -5.85 -20.83 2.29
CA ARG A 189 -6.24 -21.27 0.96
C ARG A 189 -7.26 -22.38 1.04
N LYS A 190 -8.29 -22.29 0.19
CA LYS A 190 -9.06 -23.44 -0.24
C LYS A 190 -8.54 -23.85 -1.62
N VAL A 191 -8.00 -25.06 -1.69
CA VAL A 191 -7.49 -25.67 -2.91
C VAL A 191 -8.42 -26.82 -3.27
N GLN A 192 -8.52 -27.13 -4.56
CA GLN A 192 -9.52 -28.08 -5.03
C GLN A 192 -8.88 -29.40 -5.44
N TYR A 193 -9.44 -30.48 -4.93
CA TYR A 193 -9.07 -31.82 -5.38
C TYR A 193 -10.32 -32.46 -6.00
N ALA A 194 -10.10 -33.37 -6.95
CA ALA A 194 -11.10 -34.27 -7.46
C ALA A 194 -10.40 -35.61 -7.65
N PRO A 195 -11.12 -36.71 -7.50
CA PRO A 195 -10.48 -38.01 -7.64
C PRO A 195 -10.48 -38.44 -9.09
N GLU A 196 -9.69 -39.47 -9.38
CA GLU A 196 -9.62 -39.98 -10.75
C GLU A 196 -10.93 -40.63 -11.17
N ARG A 197 -11.22 -40.56 -12.51
CA ARG A 197 -12.46 -40.94 -13.20
C ARG A 197 -12.30 -42.22 -14.02
N PRO A 198 -13.34 -43.06 -14.05
CA PRO A 198 -13.41 -44.17 -15.01
C PRO A 198 -14.03 -43.76 -16.34
N GLY A 199 -13.72 -44.55 -17.37
CA GLY A 199 -14.10 -44.25 -18.72
C GLY A 199 -12.87 -44.07 -19.57
N PRO A 200 -13.02 -43.39 -20.70
CA PRO A 200 -11.95 -43.31 -21.70
C PRO A 200 -11.03 -42.10 -21.54
N GLN A 201 -9.80 -42.29 -22.01
CA GLN A 201 -8.82 -41.21 -22.05
C GLN A 201 -9.20 -40.14 -23.07
N PRO A 202 -8.69 -38.91 -22.91
CA PRO A 202 -8.94 -37.87 -23.91
C PRO A 202 -8.26 -38.27 -25.22
N THR A 203 -9.06 -38.33 -26.28
CA THR A 203 -8.61 -38.68 -27.60
C THR A 203 -9.22 -37.71 -28.59
N ALA A 204 -8.46 -37.44 -29.64
CA ALA A 204 -8.85 -36.44 -30.62
C ALA A 204 -8.12 -36.80 -31.89
N GLU A 205 -8.70 -36.43 -33.03
CA GLU A 205 -8.07 -36.75 -34.30
C GLU A 205 -8.48 -35.73 -35.34
N THR A 206 -7.77 -35.73 -36.44
CA THR A 206 -8.10 -34.88 -37.57
C THR A 206 -7.46 -35.49 -38.80
N THR A 207 -8.02 -35.17 -39.99
CA THR A 207 -7.46 -35.54 -41.28
C THR A 207 -7.28 -34.29 -42.16
N ARG A 208 -6.24 -34.32 -42.98
CA ARG A 208 -5.95 -33.24 -43.90
C ARG A 208 -5.63 -33.78 -45.28
N GLN A 209 -6.13 -33.09 -46.31
CA GLN A 209 -5.77 -33.29 -47.70
C GLN A 209 -5.45 -31.92 -48.27
N PHE A 210 -4.20 -31.72 -48.64
CA PHE A 210 -3.76 -30.44 -49.18
C PHE A 210 -4.06 -30.36 -50.69
N LEU A 211 -3.87 -29.17 -51.25
CA LEU A 211 -4.22 -28.92 -52.64
C LEU A 211 -3.62 -29.99 -53.54
N MET A 212 -4.41 -30.42 -54.53
CA MET A 212 -3.93 -31.30 -55.59
C MET A 212 -3.12 -32.46 -55.05
N SER A 213 -3.60 -33.08 -53.98
CA SER A 213 -2.97 -34.35 -53.64
C SER A 213 -3.96 -35.47 -53.51
N ASP A 214 -5.05 -35.20 -52.81
CA ASP A 214 -6.07 -36.18 -52.50
C ASP A 214 -5.53 -37.31 -51.62
N LYS A 215 -4.39 -37.11 -50.92
CA LYS A 215 -3.85 -38.11 -49.99
C LYS A 215 -4.01 -37.64 -48.55
N PRO A 216 -4.49 -38.46 -47.62
CA PRO A 216 -4.70 -37.97 -46.25
C PRO A 216 -3.45 -37.96 -45.40
N LEU A 217 -3.39 -36.98 -44.50
CA LEU A 217 -2.47 -37.00 -43.36
C LEU A 217 -3.30 -37.09 -42.09
N HIS A 218 -3.09 -38.13 -41.30
CA HIS A 218 -3.97 -38.46 -40.19
C HIS A 218 -3.26 -38.34 -38.85
N LEU A 219 -3.62 -37.32 -38.06
CA LEU A 219 -3.04 -37.10 -36.74
C LEU A 219 -4.04 -37.51 -35.68
N GLU A 220 -3.61 -38.40 -34.81
CA GLU A 220 -4.43 -38.93 -33.74
C GLU A 220 -3.57 -38.92 -32.51
N ALA A 221 -4.15 -38.47 -31.37
CA ALA A 221 -3.42 -38.26 -30.12
C ALA A 221 -4.32 -38.49 -28.90
N SER A 222 -3.69 -38.86 -27.78
CA SER A 222 -4.36 -39.44 -26.62
C SER A 222 -3.65 -39.05 -25.32
N LEU A 223 -4.37 -39.18 -24.21
CA LEU A 223 -3.94 -38.73 -22.88
C LEU A 223 -4.39 -39.78 -21.85
N ASP A 224 -4.46 -39.37 -20.57
CA ASP A 224 -5.05 -40.15 -19.46
C ASP A 224 -6.05 -39.28 -18.66
N LYS A 225 -7.36 -39.32 -18.94
CA LYS A 225 -8.31 -38.26 -18.55
C LYS A 225 -8.12 -37.65 -17.17
N GLU A 226 -7.66 -38.48 -16.25
CA GLU A 226 -7.44 -38.09 -14.88
C GLU A 226 -6.12 -37.29 -14.71
N ILE A 227 -5.48 -36.84 -15.78
CA ILE A 227 -4.01 -36.70 -15.76
C ILE A 227 -3.75 -35.32 -15.17
N TYR A 228 -3.87 -35.22 -13.81
CA TYR A 228 -3.99 -33.86 -13.32
C TYR A 228 -3.43 -33.42 -11.99
N TYR A 229 -2.72 -34.20 -11.22
CA TYR A 229 -2.36 -33.54 -9.99
C TYR A 229 -1.12 -32.71 -10.23
N HIS A 230 -0.99 -31.62 -9.47
CA HIS A 230 0.13 -30.72 -9.65
C HIS A 230 1.42 -31.53 -9.65
N GLY A 231 2.29 -31.23 -10.61
CA GLY A 231 3.56 -31.92 -10.84
C GLY A 231 3.48 -33.16 -11.70
N GLU A 232 2.44 -33.98 -11.51
CA GLU A 232 2.26 -35.22 -12.27
C GLU A 232 2.35 -34.93 -13.77
N PRO A 233 3.19 -35.64 -14.51
CA PRO A 233 3.42 -35.29 -15.91
C PRO A 233 2.26 -35.75 -16.79
N ILE A 234 2.31 -35.31 -18.04
CA ILE A 234 1.27 -35.59 -19.04
C ILE A 234 1.89 -36.47 -20.12
N SER A 235 1.31 -37.63 -20.35
CA SER A 235 1.81 -38.52 -21.37
C SER A 235 0.84 -38.49 -22.52
N VAL A 236 1.28 -37.79 -23.57
CA VAL A 236 0.55 -37.63 -24.82
C VAL A 236 1.05 -38.70 -25.77
N ASN A 237 0.16 -39.59 -26.21
CA ASN A 237 0.48 -40.52 -27.29
C ASN A 237 0.10 -39.91 -28.62
N VAL A 238 1.01 -39.93 -29.58
CA VAL A 238 0.82 -39.27 -30.86
C VAL A 238 0.98 -40.31 -31.98
N HIS A 239 0.03 -40.31 -32.92
CA HIS A 239 0.04 -41.25 -34.03
C HIS A 239 -0.14 -40.50 -35.34
N VAL A 240 0.78 -40.69 -36.29
CA VAL A 240 0.70 -40.04 -37.60
C VAL A 240 0.66 -41.10 -38.69
N THR A 241 -0.43 -41.15 -39.43
CA THR A 241 -0.49 -41.86 -40.69
C THR A 241 -0.33 -40.85 -41.82
N ASN A 242 0.82 -40.86 -42.47
CA ASN A 242 1.19 -39.85 -43.46
C ASN A 242 1.18 -40.51 -44.83
N ASN A 243 0.03 -40.50 -45.49
CA ASN A 243 0.04 -41.04 -46.85
C ASN A 243 0.54 -40.03 -47.87
N THR A 244 0.74 -38.77 -47.49
CA THR A 244 1.10 -37.77 -48.48
C THR A 244 2.59 -37.85 -48.79
N ASN A 245 3.04 -36.99 -49.68
CA ASN A 245 4.44 -36.87 -50.01
C ASN A 245 5.01 -35.55 -49.53
N LYS A 246 4.49 -35.07 -48.40
CA LYS A 246 5.09 -34.02 -47.63
C LYS A 246 5.67 -34.68 -46.39
N THR A 247 6.69 -34.07 -45.79
CA THR A 247 7.23 -34.58 -44.54
C THR A 247 6.85 -33.60 -43.43
N VAL A 248 6.54 -34.11 -42.25
CA VAL A 248 6.39 -33.22 -41.12
C VAL A 248 7.78 -32.95 -40.57
N LYS A 249 8.18 -31.68 -40.53
CA LYS A 249 9.56 -31.34 -40.13
C LYS A 249 9.77 -31.54 -38.64
N LYS A 250 8.89 -30.96 -37.80
CA LYS A 250 8.97 -31.09 -36.35
C LYS A 250 7.55 -31.26 -35.80
N ILE A 251 7.46 -31.77 -34.57
CA ILE A 251 6.19 -31.92 -33.84
C ILE A 251 6.26 -31.09 -32.57
N LYS A 252 5.31 -30.18 -32.41
CA LYS A 252 5.27 -29.27 -31.28
C LYS A 252 4.05 -29.56 -30.40
N ILE A 253 4.30 -30.09 -29.19
CA ILE A 253 3.28 -30.33 -28.17
C ILE A 253 3.34 -29.21 -27.15
N SER A 254 2.19 -28.84 -26.60
CA SER A 254 2.16 -27.76 -25.62
C SER A 254 0.97 -27.92 -24.68
N VAL A 255 1.08 -27.28 -23.51
CA VAL A 255 -0.01 -27.15 -22.55
C VAL A 255 -0.34 -25.66 -22.40
N ARG A 256 -1.59 -25.31 -22.59
CA ARG A 256 -2.03 -23.93 -22.43
C ARG A 256 -3.11 -23.87 -21.36
N GLN A 257 -3.03 -22.86 -20.52
CA GLN A 257 -4.07 -22.56 -19.55
C GLN A 257 -4.95 -21.47 -20.11
N TYR A 258 -6.26 -21.61 -19.89
CA TYR A 258 -7.24 -20.64 -20.37
C TYR A 258 -7.94 -20.01 -19.18
N ALA A 259 -8.04 -18.67 -19.18
CA ALA A 259 -8.59 -17.92 -18.06
C ALA A 259 -9.62 -16.94 -18.60
N ASP A 260 -10.86 -17.08 -18.19
CA ASP A 260 -11.90 -16.12 -18.56
C ASP A 260 -12.38 -15.38 -17.32
N ILE A 261 -12.05 -14.09 -17.23
CA ILE A 261 -12.62 -13.21 -16.22
C ILE A 261 -14.07 -12.95 -16.57
N VAL A 262 -14.97 -13.25 -15.64
CA VAL A 262 -16.40 -13.14 -15.93
C VAL A 262 -17.10 -12.10 -15.07
N LEU A 263 -16.39 -11.44 -14.16
CA LEU A 263 -16.95 -10.41 -13.29
C LEU A 263 -16.31 -9.08 -13.62
N PHE A 264 -17.10 -8.01 -13.53
CA PHE A 264 -16.52 -6.68 -13.69
C PHE A 264 -15.99 -6.46 -15.10
N ASN A 265 -14.67 -6.55 -15.27
CA ASN A 265 -14.05 -6.35 -16.57
C ASN A 265 -13.69 -7.70 -17.18
N THR A 266 -14.66 -8.27 -17.89
CA THR A 266 -14.50 -9.59 -18.51
C THR A 266 -13.43 -9.57 -19.60
N ALA A 267 -12.67 -10.65 -19.67
CA ALA A 267 -11.46 -10.72 -20.47
C ALA A 267 -10.98 -12.16 -20.54
N GLN A 268 -10.47 -12.58 -21.69
CA GLN A 268 -10.05 -13.96 -21.92
C GLN A 268 -8.53 -14.00 -21.99
N TYR A 269 -7.93 -15.00 -21.33
CA TYR A 269 -6.49 -15.21 -21.41
C TYR A 269 -6.16 -16.66 -21.75
N LYS A 270 -5.03 -16.84 -22.44
CA LYS A 270 -4.51 -18.17 -22.74
C LYS A 270 -2.99 -18.06 -22.72
N VAL A 271 -2.36 -18.96 -21.97
CA VAL A 271 -0.93 -18.85 -21.67
C VAL A 271 -0.33 -20.22 -21.83
N PRO A 272 0.71 -20.41 -22.64
CA PRO A 272 1.36 -21.72 -22.71
C PRO A 272 2.20 -21.96 -21.46
N VAL A 273 2.02 -23.11 -20.83
CA VAL A 273 2.70 -23.40 -19.57
C VAL A 273 3.52 -24.68 -19.67
N ALA A 274 3.66 -25.23 -20.87
CA ALA A 274 4.52 -26.37 -21.17
C ALA A 274 4.71 -26.37 -22.66
N MET A 275 5.80 -26.97 -23.09
CA MET A 275 6.12 -27.09 -24.49
C MET A 275 7.18 -28.15 -24.65
N GLU A 276 7.24 -28.71 -25.83
CA GLU A 276 8.39 -29.49 -26.29
C GLU A 276 8.34 -29.45 -27.80
N GLU A 277 9.26 -28.73 -28.43
CA GLU A 277 9.39 -28.88 -29.86
C GLU A 277 10.25 -30.13 -30.07
N ALA A 278 9.67 -31.15 -30.69
CA ALA A 278 10.39 -32.38 -30.96
C ALA A 278 10.86 -32.39 -32.41
N ASP A 279 12.12 -32.73 -32.60
CA ASP A 279 12.61 -33.00 -33.95
C ASP A 279 12.55 -34.50 -34.19
N ASP A 280 11.32 -34.98 -34.23
CA ASP A 280 10.92 -36.16 -34.97
C ASP A 280 10.31 -35.70 -36.27
N THR A 281 10.45 -36.54 -37.30
CA THR A 281 9.86 -36.26 -38.60
C THR A 281 9.11 -37.50 -39.08
N VAL A 282 7.97 -37.30 -39.70
CA VAL A 282 7.22 -38.41 -40.28
C VAL A 282 7.41 -38.38 -41.78
N ALA A 283 8.04 -39.45 -42.29
CA ALA A 283 8.43 -39.53 -43.69
C ALA A 283 7.19 -39.55 -44.56
N PRO A 284 7.33 -39.24 -45.84
CA PRO A 284 6.21 -39.47 -46.77
C PRO A 284 5.82 -40.94 -46.77
N SER A 285 4.53 -41.19 -46.94
CA SER A 285 4.03 -42.54 -47.14
C SER A 285 4.49 -43.49 -46.03
N SER A 286 4.46 -43.00 -44.79
CA SER A 286 4.89 -43.77 -43.63
C SER A 286 3.87 -43.66 -42.51
N THR A 287 4.16 -44.33 -41.39
CA THR A 287 3.43 -44.11 -40.17
C THR A 287 4.41 -43.95 -39.01
N PHE A 288 3.95 -43.28 -37.96
CA PHE A 288 4.78 -42.86 -36.84
C PHE A 288 3.99 -42.95 -35.54
N SER A 289 4.68 -43.28 -34.46
CA SER A 289 4.07 -43.27 -33.15
C SER A 289 5.14 -42.96 -32.12
N LYS A 290 4.71 -42.31 -31.03
CA LYS A 290 5.54 -41.93 -29.89
C LYS A 290 4.61 -41.56 -28.74
N VAL A 291 5.14 -41.64 -27.51
CA VAL A 291 4.62 -40.84 -26.40
C VAL A 291 5.59 -39.69 -26.18
N TYR A 292 5.07 -38.48 -26.09
CA TYR A 292 5.80 -37.39 -25.50
C TYR A 292 5.27 -37.19 -24.08
N THR A 293 6.11 -36.69 -23.18
CA THR A 293 5.67 -36.46 -21.82
C THR A 293 5.92 -35.01 -21.44
N LEU A 294 4.96 -34.41 -20.72
CA LEU A 294 5.02 -32.99 -20.43
C LEU A 294 4.57 -32.72 -19.00
N THR A 295 5.22 -31.76 -18.36
CA THR A 295 4.90 -31.36 -16.99
C THR A 295 4.70 -29.87 -16.95
N PRO A 296 3.46 -29.38 -16.81
CA PRO A 296 3.28 -27.94 -16.64
C PRO A 296 3.82 -27.54 -15.27
N PHE A 297 4.73 -26.58 -15.24
CA PHE A 297 5.31 -26.13 -13.99
C PHE A 297 5.14 -24.64 -13.88
N LEU A 298 4.89 -24.16 -12.65
CA LEU A 298 4.75 -22.73 -12.43
C LEU A 298 6.10 -22.05 -12.48
N ALA A 299 7.15 -22.73 -12.01
CA ALA A 299 8.48 -22.14 -12.07
C ALA A 299 8.76 -21.60 -13.45
N ASN A 300 8.57 -22.42 -14.49
CA ASN A 300 9.05 -22.11 -15.82
C ASN A 300 8.31 -20.89 -16.39
N ASN A 301 7.33 -20.38 -15.62
CA ASN A 301 6.37 -19.44 -16.15
C ASN A 301 6.11 -18.27 -15.22
N ARG A 302 7.09 -17.87 -14.42
CA ARG A 302 6.86 -16.85 -13.39
C ARG A 302 6.95 -15.43 -13.95
N GLU A 303 5.92 -14.64 -13.67
CA GLU A 303 5.63 -13.38 -14.37
C GLU A 303 5.78 -13.58 -15.89
N LYS A 304 5.11 -14.64 -16.36
CA LYS A 304 4.50 -14.70 -17.68
C LYS A 304 3.20 -13.90 -17.60
N ARG A 305 3.37 -12.61 -17.28
CA ARG A 305 2.26 -11.74 -16.91
C ARG A 305 1.36 -12.42 -15.88
N GLY A 306 1.93 -13.34 -15.10
CA GLY A 306 1.35 -13.77 -13.83
C GLY A 306 -0.12 -14.12 -13.88
N LEU A 307 -0.53 -14.92 -14.87
CA LEU A 307 -1.94 -15.23 -15.11
C LEU A 307 -2.34 -16.51 -14.40
N ALA A 308 -3.30 -16.41 -13.47
CA ALA A 308 -4.03 -17.54 -12.89
C ALA A 308 -3.14 -18.52 -12.12
N LEU A 309 -2.71 -18.07 -10.96
CA LEU A 309 -2.13 -18.89 -9.89
C LEU A 309 -3.21 -19.31 -8.89
N ASP A 310 -2.85 -20.21 -7.96
CA ASP A 310 -3.69 -20.53 -6.80
C ASP A 310 -3.22 -19.84 -5.53
N GLY A 311 -2.32 -18.88 -5.67
CA GLY A 311 -1.75 -18.18 -4.54
C GLY A 311 -1.04 -16.96 -5.07
N LYS A 312 -0.27 -16.34 -4.19
CA LYS A 312 0.47 -15.17 -4.62
C LYS A 312 1.74 -15.64 -5.30
N LEU A 313 2.35 -14.74 -6.07
CA LEU A 313 3.56 -15.11 -6.80
C LEU A 313 4.73 -15.42 -5.87
N LYS A 314 4.86 -14.66 -4.77
CA LYS A 314 6.03 -14.73 -3.90
C LYS A 314 6.10 -16.01 -3.02
N HIS A 315 4.98 -16.66 -2.72
CA HIS A 315 5.00 -17.80 -1.81
C HIS A 315 5.38 -19.09 -2.54
N GLU A 316 6.28 -19.87 -1.93
CA GLU A 316 6.69 -21.14 -2.51
C GLU A 316 5.53 -22.11 -2.67
N ASP A 317 4.44 -21.91 -1.90
CA ASP A 317 3.25 -22.74 -2.01
C ASP A 317 2.61 -22.70 -3.39
N THR A 318 2.78 -21.62 -4.14
CA THR A 318 1.87 -21.33 -5.23
C THR A 318 2.11 -22.23 -6.43
N ASN A 319 1.01 -22.75 -6.97
CA ASN A 319 0.95 -23.56 -8.17
C ASN A 319 0.13 -22.84 -9.23
N LEU A 320 0.10 -23.40 -10.43
CA LEU A 320 -0.90 -23.02 -11.40
C LEU A 320 -2.26 -23.33 -10.81
N ALA A 321 -3.25 -22.49 -11.13
CA ALA A 321 -4.57 -22.73 -10.57
C ALA A 321 -5.18 -23.99 -11.17
N SER A 322 -6.07 -24.59 -10.40
CA SER A 322 -6.76 -25.81 -10.77
C SER A 322 -7.88 -25.52 -11.76
N SER A 323 -8.33 -26.56 -12.43
CA SER A 323 -9.41 -26.34 -13.37
C SER A 323 -10.65 -25.93 -12.59
N THR A 324 -11.44 -25.05 -13.18
CA THR A 324 -12.75 -24.78 -12.59
C THR A 324 -13.63 -26.01 -12.74
N LEU A 325 -14.32 -26.39 -11.67
CA LEU A 325 -15.36 -27.40 -11.79
C LEU A 325 -16.67 -26.69 -12.03
N LEU A 326 -17.31 -27.00 -13.15
CA LEU A 326 -18.65 -26.51 -13.38
C LEU A 326 -19.64 -27.66 -13.38
N ARG A 327 -20.92 -27.31 -13.33
CA ARG A 327 -21.99 -28.23 -13.61
C ARG A 327 -23.01 -27.52 -14.46
N GLU A 328 -23.79 -28.29 -15.22
CA GLU A 328 -24.88 -27.69 -15.98
C GLU A 328 -25.73 -26.85 -15.04
N GLY A 329 -25.97 -25.59 -15.45
CA GLY A 329 -26.76 -24.68 -14.68
C GLY A 329 -26.05 -24.02 -13.52
N ALA A 330 -24.86 -24.47 -13.15
CA ALA A 330 -24.12 -23.79 -12.10
C ALA A 330 -23.80 -22.37 -12.54
N ASN A 331 -23.87 -21.41 -11.60
CA ASN A 331 -23.64 -20.01 -11.95
C ASN A 331 -22.17 -19.79 -12.26
N ARG A 332 -21.89 -19.47 -13.53
CA ARG A 332 -20.54 -19.30 -14.03
C ARG A 332 -19.92 -17.99 -13.57
N GLU A 333 -20.74 -16.94 -13.42
CA GLU A 333 -20.22 -15.58 -13.23
C GLU A 333 -19.88 -15.27 -11.78
N ILE A 334 -20.40 -16.02 -10.83
CA ILE A 334 -19.99 -15.79 -9.46
C ILE A 334 -18.83 -16.73 -9.14
N LEU A 335 -18.27 -17.34 -10.19
CA LEU A 335 -16.95 -17.94 -10.05
C LEU A 335 -15.86 -16.95 -10.36
N GLY A 336 -16.14 -15.86 -11.07
CA GLY A 336 -15.17 -14.82 -11.33
C GLY A 336 -14.17 -15.16 -12.41
N ILE A 337 -13.41 -16.23 -12.19
CA ILE A 337 -12.34 -16.67 -13.10
C ILE A 337 -12.55 -18.13 -13.41
N ILE A 338 -12.81 -18.45 -14.67
CA ILE A 338 -12.91 -19.83 -15.12
C ILE A 338 -11.55 -20.27 -15.67
N VAL A 339 -10.92 -21.22 -15.01
CA VAL A 339 -9.64 -21.78 -15.46
C VAL A 339 -9.90 -23.12 -16.11
N SER A 340 -9.17 -23.38 -17.19
CA SER A 340 -9.21 -24.62 -17.97
C SER A 340 -7.84 -24.86 -18.58
N TYR A 341 -7.57 -26.12 -18.92
CA TYR A 341 -6.31 -26.55 -19.51
C TYR A 341 -6.56 -27.45 -20.70
N LYS A 342 -5.71 -27.32 -21.71
CA LYS A 342 -5.77 -28.20 -22.88
C LYS A 342 -4.36 -28.55 -23.28
N VAL A 343 -4.19 -29.76 -23.79
CA VAL A 343 -3.00 -30.20 -24.51
C VAL A 343 -3.17 -29.97 -26.01
N LYS A 344 -2.14 -29.47 -26.68
CA LYS A 344 -2.13 -29.25 -28.12
C LYS A 344 -1.06 -30.12 -28.75
N VAL A 345 -1.32 -30.66 -29.94
CA VAL A 345 -0.32 -31.38 -30.71
C VAL A 345 -0.38 -30.87 -32.13
N LYS A 346 0.76 -30.38 -32.64
CA LYS A 346 0.81 -29.78 -33.97
C LYS A 346 1.88 -30.43 -34.81
N LEU A 347 1.56 -30.70 -36.08
CA LEU A 347 2.51 -31.19 -37.07
C LEU A 347 2.93 -30.05 -38.01
N VAL A 348 4.26 -29.79 -38.09
CA VAL A 348 4.82 -28.77 -38.98
C VAL A 348 5.31 -29.48 -40.24
N VAL A 349 5.09 -28.86 -41.41
CA VAL A 349 5.19 -29.60 -42.67
C VAL A 349 6.23 -29.01 -43.64
N SER A 350 5.98 -27.82 -44.16
CA SER A 350 6.93 -27.16 -45.07
C SER A 350 7.48 -28.12 -46.13
N ARG A 351 6.65 -28.60 -47.04
CA ARG A 351 7.15 -29.41 -48.14
C ARG A 351 7.02 -28.65 -49.47
N GLY A 352 8.15 -28.52 -50.17
CA GLY A 352 8.21 -27.98 -51.51
C GLY A 352 9.19 -26.84 -51.67
N GLY A 353 8.94 -25.96 -52.64
CA GLY A 353 9.73 -24.75 -52.83
C GLY A 353 8.85 -23.53 -52.98
N ALA A 359 3.00 -20.33 -47.69
CA ALA A 359 2.35 -20.48 -46.39
C ALA A 359 2.38 -21.91 -45.87
N SER A 360 3.44 -22.30 -45.16
CA SER A 360 3.60 -23.68 -44.73
C SER A 360 2.61 -24.04 -43.63
N SER A 361 2.38 -25.34 -43.48
CA SER A 361 1.13 -25.90 -42.94
C SER A 361 1.17 -26.26 -41.46
N ASP A 362 -0.04 -26.31 -40.89
CA ASP A 362 -0.28 -26.75 -39.52
C ASP A 362 -1.41 -27.77 -39.55
N VAL A 363 -1.13 -28.99 -39.07
CA VAL A 363 -2.17 -29.96 -38.74
C VAL A 363 -2.10 -30.15 -37.24
N ALA A 364 -3.22 -29.95 -36.55
CA ALA A 364 -3.20 -29.99 -35.10
C ALA A 364 -4.50 -30.58 -34.59
N VAL A 365 -4.41 -31.10 -33.36
CA VAL A 365 -5.55 -31.48 -32.54
C VAL A 365 -5.26 -30.92 -31.16
N GLU A 366 -6.30 -30.79 -30.35
CA GLU A 366 -6.05 -30.44 -28.96
C GLU A 366 -6.97 -31.25 -28.05
N LEU A 367 -6.44 -31.67 -26.90
CA LEU A 367 -7.11 -32.56 -25.96
C LEU A 367 -7.21 -31.88 -24.60
N PRO A 368 -8.39 -31.74 -24.02
CA PRO A 368 -8.52 -31.07 -22.72
C PRO A 368 -8.43 -32.03 -21.53
N PHE A 369 -7.99 -31.48 -20.40
CA PHE A 369 -7.86 -32.24 -19.17
C PHE A 369 -8.18 -31.34 -17.99
N THR A 370 -8.44 -31.98 -16.85
CA THR A 370 -8.67 -31.30 -15.58
C THR A 370 -7.33 -31.24 -14.87
N LEU A 371 -7.15 -30.26 -13.96
CA LEU A 371 -5.93 -30.14 -13.15
C LEU A 371 -6.28 -29.83 -11.70
N MET A 372 -5.90 -30.73 -10.79
CA MET A 372 -6.38 -30.69 -9.41
C MET A 372 -5.20 -30.56 -8.45
N HIS A 373 -5.53 -30.24 -7.19
CA HIS A 373 -4.52 -30.23 -6.13
C HIS A 373 -4.34 -31.64 -5.59
N PRO A 374 -3.11 -32.12 -5.44
CA PRO A 374 -2.90 -33.51 -5.03
C PRO A 374 -3.55 -33.79 -3.69
N LYS A 375 -4.01 -35.04 -3.52
CA LYS A 375 -4.63 -35.43 -2.25
C LYS A 375 -3.58 -35.52 -1.15
N PRO A 376 -3.86 -34.98 0.05
CA PRO A 376 -2.91 -35.10 1.17
C PRO A 376 -2.94 -36.51 1.78
N LYS A 377 -1.74 -36.99 2.13
CA LYS A 377 -1.49 -38.36 2.61
C LYS A 377 -2.56 -38.81 3.60
N GLU A 378 -3.16 -39.97 3.32
CA GLU A 378 -4.39 -40.35 4.02
C GLU A 378 -4.11 -40.95 5.39
N GLU A 379 -3.42 -42.09 5.43
CA GLU A 379 -3.16 -42.82 6.67
C GLU A 379 -2.17 -43.96 6.39
N ASP A 403 5.14 -35.32 26.60
CA ASP A 403 3.69 -35.40 26.36
C ASP A 403 3.37 -35.93 24.95
N ASP A 404 3.09 -35.01 24.01
CA ASP A 404 2.96 -35.34 22.60
C ASP A 404 3.92 -34.47 21.78
N ASP A 405 4.21 -34.94 20.57
CA ASP A 405 5.03 -34.18 19.63
C ASP A 405 4.10 -33.29 18.83
N ILE A 406 4.07 -32.00 19.18
CA ILE A 406 3.28 -31.00 18.44
C ILE A 406 4.17 -29.78 18.21
N VAL A 407 4.34 -29.40 16.93
CA VAL A 407 5.34 -28.43 16.53
C VAL A 407 4.64 -27.22 15.94
N PHE A 408 5.00 -26.03 16.44
CA PHE A 408 4.29 -24.79 16.16
C PHE A 408 5.11 -23.92 15.21
N GLU A 409 4.50 -23.54 14.08
CA GLU A 409 5.14 -22.73 13.06
C GLU A 409 4.34 -21.46 12.84
N ASP A 410 5.00 -20.47 12.25
CA ASP A 410 4.28 -19.30 11.75
C ASP A 410 3.31 -19.69 10.64
N PHE A 411 2.18 -19.00 10.58
CA PHE A 411 1.33 -19.15 9.41
C PHE A 411 2.01 -18.58 8.17
N ALA A 412 2.84 -17.55 8.34
CA ALA A 412 3.46 -16.86 7.22
C ALA A 412 4.16 -17.85 6.31
N ARG A 413 3.89 -17.72 5.01
CA ARG A 413 4.37 -18.69 4.03
C ARG A 413 5.76 -18.31 3.53
N GLN A 414 6.44 -19.29 2.94
CA GLN A 414 7.86 -19.19 2.60
C GLN A 414 8.29 -18.19 1.50
N LEU B 2 -31.56 -9.93 6.40
CA LEU B 2 -31.96 -8.56 6.13
C LEU B 2 -30.78 -7.59 6.27
N ASP B 3 -29.57 -8.14 6.11
CA ASP B 3 -28.30 -7.43 6.09
C ASP B 3 -27.28 -8.34 5.42
N ASP B 4 -25.99 -7.97 5.48
CA ASP B 4 -24.92 -8.73 4.82
C ASP B 4 -23.68 -8.71 5.73
N GLY B 5 -22.53 -9.20 5.23
CA GLY B 5 -21.57 -9.75 6.18
C GLY B 5 -20.68 -8.97 7.15
N VAL B 6 -19.55 -8.36 6.73
CA VAL B 6 -18.80 -7.44 7.60
C VAL B 6 -18.20 -6.18 6.92
N SER B 7 -17.46 -6.33 5.81
CA SER B 7 -16.46 -5.38 5.26
C SER B 7 -15.24 -5.16 6.16
N ASP B 8 -14.42 -6.21 6.22
CA ASP B 8 -13.04 -6.15 6.72
C ASP B 8 -12.21 -5.02 6.10
N HIS B 9 -11.21 -4.52 6.86
CA HIS B 9 -10.12 -3.64 6.36
C HIS B 9 -8.87 -3.70 7.26
N SER B 10 -7.77 -4.35 6.80
CA SER B 10 -6.35 -4.04 7.13
C SER B 10 -5.38 -5.04 6.46
N ALA B 11 -4.06 -4.79 6.58
CA ALA B 11 -3.02 -5.66 6.00
C ALA B 11 -2.04 -6.23 7.05
N ASP B 12 -1.53 -7.47 6.82
CA ASP B 12 -0.75 -8.17 7.85
C ASP B 12 0.72 -8.46 7.54
N CYS B 13 1.07 -9.22 6.47
CA CYS B 13 2.39 -9.83 6.41
C CYS B 13 3.28 -9.11 5.39
N LEU B 14 4.56 -8.98 5.73
CA LEU B 14 5.45 -7.93 5.24
C LEU B 14 5.99 -8.21 3.84
N ASP B 15 6.60 -7.17 3.26
CA ASP B 15 7.23 -7.27 1.95
C ASP B 15 8.28 -6.17 1.86
N GLN B 16 9.56 -6.56 1.90
CA GLN B 16 10.66 -5.59 1.83
C GLN B 16 11.59 -5.92 0.66
N LYS C 24 4.61 50.46 2.02
CA LYS C 24 6.01 50.41 2.45
C LYS C 24 6.25 51.02 3.84
N GLY C 25 5.61 50.41 4.85
CA GLY C 25 6.13 50.43 6.21
C GLY C 25 6.99 49.20 6.47
N THR C 26 8.17 49.11 5.85
CA THR C 26 8.85 47.82 5.64
C THR C 26 9.18 47.11 6.95
N ARG C 27 8.67 45.88 7.09
CA ARG C 27 8.87 45.05 8.27
C ARG C 27 10.17 44.29 8.14
N VAL C 28 11.07 44.49 9.09
CA VAL C 28 12.33 43.79 9.19
C VAL C 28 12.41 43.24 10.60
N PHE C 29 12.76 41.98 10.74
CA PHE C 29 12.70 41.28 12.01
C PHE C 29 14.07 41.27 12.65
N LYS C 30 14.15 41.80 13.86
CA LYS C 30 15.40 42.11 14.53
C LYS C 30 15.51 41.24 15.77
N LYS C 31 16.72 40.77 16.04
CA LYS C 31 17.03 40.13 17.30
C LYS C 31 18.46 40.52 17.63
N ALA C 32 18.71 40.83 18.90
CA ALA C 32 20.02 41.27 19.38
C ALA C 32 20.56 40.28 20.42
N SER C 33 21.84 40.46 20.76
CA SER C 33 22.48 39.60 21.73
C SER C 33 21.80 39.74 23.09
N PRO C 34 21.86 38.70 23.96
CA PRO C 34 21.24 38.85 25.29
C PRO C 34 21.78 40.07 25.98
N ASN C 35 23.06 40.36 25.77
CA ASN C 35 23.72 41.61 26.12
C ASN C 35 24.16 42.27 24.82
N GLY C 36 23.45 43.35 24.46
CA GLY C 36 23.23 43.74 23.07
C GLY C 36 24.35 44.36 22.27
N LYS C 37 25.48 43.65 22.15
CA LYS C 37 26.54 44.12 21.26
C LYS C 37 26.30 43.67 19.83
N LEU C 38 25.76 42.45 19.67
CA LEU C 38 25.42 41.85 18.39
C LEU C 38 23.92 41.92 18.18
N THR C 39 23.48 42.39 17.00
CA THR C 39 22.05 42.35 16.66
C THR C 39 21.89 41.94 15.20
N VAL C 40 20.98 40.99 14.95
CA VAL C 40 20.81 40.38 13.64
C VAL C 40 19.48 40.82 13.04
N TYR C 41 19.50 41.13 11.75
CA TYR C 41 18.30 41.58 11.04
C TYR C 41 18.08 40.72 9.82
N LEU C 42 16.80 40.41 9.56
CA LEU C 42 16.38 39.57 8.46
C LEU C 42 15.13 40.18 7.85
N GLY C 43 14.97 39.98 6.53
CA GLY C 43 13.78 40.49 5.87
C GLY C 43 12.54 39.65 6.12
N LYS C 44 12.73 38.35 6.37
CA LYS C 44 11.63 37.41 6.56
C LYS C 44 12.07 36.34 7.55
N ARG C 45 11.08 35.78 8.25
CA ARG C 45 11.34 34.61 9.09
C ARG C 45 11.13 33.30 8.34
N ASP C 46 10.35 33.32 7.28
CA ASP C 46 10.03 32.14 6.51
C ASP C 46 10.65 32.36 5.15
N PHE C 47 11.16 31.31 4.55
CA PHE C 47 11.82 31.44 3.25
C PHE C 47 11.25 30.40 2.30
N VAL C 48 10.66 30.86 1.21
CA VAL C 48 9.90 29.95 0.37
C VAL C 48 10.86 29.10 -0.46
N ASP C 49 10.51 27.81 -0.56
CA ASP C 49 11.06 26.91 -1.56
C ASP C 49 10.09 26.86 -2.73
N HIS C 50 10.48 27.45 -3.85
CA HIS C 50 9.82 27.22 -5.12
C HIS C 50 10.67 26.17 -5.82
N ILE C 51 10.10 25.06 -6.20
CA ILE C 51 10.84 23.79 -6.33
C ILE C 51 12.24 23.93 -6.95
N ASP C 52 12.44 24.92 -7.84
CA ASP C 52 13.75 25.11 -8.48
C ASP C 52 14.82 25.77 -7.59
N LEU C 53 14.45 26.65 -6.67
CA LEU C 53 15.46 27.29 -5.82
C LEU C 53 14.81 28.09 -4.69
N VAL C 54 15.52 28.14 -3.55
CA VAL C 54 15.03 28.71 -2.30
C VAL C 54 15.32 30.20 -2.23
N ASP C 55 14.45 30.96 -1.57
CA ASP C 55 14.77 32.37 -1.34
C ASP C 55 16.05 32.45 -0.52
N PRO C 56 17.02 33.26 -0.93
CA PRO C 56 18.24 33.38 -0.14
C PRO C 56 17.92 34.00 1.21
N VAL C 57 18.78 33.69 2.18
CA VAL C 57 18.71 34.31 3.49
C VAL C 57 19.62 35.54 3.43
N ASP C 58 19.04 36.66 3.01
CA ASP C 58 19.72 37.96 2.99
C ASP C 58 19.45 38.67 4.31
N GLY C 59 20.52 39.03 5.01
CA GLY C 59 20.43 39.63 6.32
C GLY C 59 21.64 40.50 6.57
N VAL C 60 21.67 41.12 7.76
CA VAL C 60 22.76 42.00 8.17
C VAL C 60 23.10 41.71 9.63
N VAL C 61 24.35 41.98 9.98
CA VAL C 61 24.83 41.85 11.36
C VAL C 61 25.33 43.22 11.82
N LEU C 62 24.75 43.74 12.89
CA LEU C 62 25.11 45.06 13.42
C LEU C 62 25.86 44.86 14.72
N VAL C 63 27.19 44.91 14.64
CA VAL C 63 28.05 44.75 15.81
C VAL C 63 28.99 45.94 15.88
N ASP C 64 29.26 46.41 17.11
CA ASP C 64 30.21 47.50 17.33
C ASP C 64 31.53 46.93 17.83
N PRO C 65 32.64 47.09 17.09
CA PRO C 65 33.80 46.23 17.33
C PRO C 65 34.50 46.53 18.64
N GLU C 66 33.86 46.19 19.76
CA GLU C 66 34.44 46.41 21.07
C GLU C 66 34.48 45.17 21.95
N TYR C 67 33.64 44.17 21.71
CA TYR C 67 33.52 43.07 22.65
C TYR C 67 34.48 41.91 22.30
N LEU C 68 34.27 40.77 22.98
CA LEU C 68 35.31 39.89 23.48
C LEU C 68 36.43 39.62 22.48
N LYS C 69 36.10 39.00 21.36
CA LYS C 69 37.14 38.61 20.42
C LYS C 69 37.26 39.69 19.36
N GLU C 70 38.09 40.70 19.65
CA GLU C 70 38.19 41.83 18.74
C GLU C 70 39.04 41.34 17.57
N ARG C 71 38.57 40.21 16.99
CA ARG C 71 38.87 39.82 15.63
C ARG C 71 37.63 39.78 14.75
N ARG C 72 36.60 38.99 15.08
CA ARG C 72 35.62 38.64 14.03
C ARG C 72 34.23 38.41 14.61
N VAL C 73 33.23 38.53 13.73
CA VAL C 73 31.91 37.96 13.96
C VAL C 73 31.56 37.07 12.76
N TYR C 74 30.94 35.93 13.07
CA TYR C 74 30.54 34.92 12.09
C TYR C 74 29.04 34.75 12.15
N VAL C 75 28.49 34.25 11.05
CA VAL C 75 27.12 33.76 10.96
C VAL C 75 27.13 32.39 10.31
N THR C 76 26.31 31.47 10.84
CA THR C 76 26.22 30.11 10.33
C THR C 76 24.76 29.72 10.14
N LEU C 77 24.48 29.02 9.04
CA LEU C 77 23.22 28.35 8.85
C LEU C 77 23.42 26.86 9.07
N THR C 78 22.58 26.25 9.91
CA THR C 78 22.62 24.82 10.19
C THR C 78 21.23 24.25 9.91
N VAL C 79 21.18 23.20 9.09
CA VAL C 79 19.96 22.39 8.91
C VAL C 79 20.24 21.02 9.50
N ALA C 80 19.45 20.64 10.50
CA ALA C 80 19.62 19.35 11.13
C ALA C 80 18.27 18.70 11.37
N PHE C 81 18.24 17.38 11.26
CA PHE C 81 17.18 16.57 11.82
C PHE C 81 17.59 16.24 13.26
N ARG C 82 16.67 16.42 14.20
CA ARG C 82 16.95 16.18 15.59
C ARG C 82 15.85 15.32 16.17
N TYR C 83 16.19 14.52 17.17
CA TYR C 83 15.26 13.57 17.78
C TYR C 83 15.61 13.46 19.25
N GLY C 84 14.63 13.69 20.13
CA GLY C 84 14.83 13.58 21.56
C GLY C 84 14.37 14.81 22.33
N ARG C 85 14.60 15.98 21.72
CA ARG C 85 13.92 17.23 22.04
C ARG C 85 13.72 17.94 20.71
N GLU C 86 13.13 19.14 20.68
CA GLU C 86 13.21 19.92 19.43
C GLU C 86 13.72 21.33 19.67
N ASP C 87 15.04 21.39 19.75
CA ASP C 87 15.91 22.55 19.79
C ASP C 87 17.31 21.96 19.65
N LEU C 88 18.33 22.81 19.71
CA LEU C 88 19.73 22.34 19.74
C LEU C 88 20.16 22.30 21.21
N ASP C 89 20.16 21.10 21.79
CA ASP C 89 20.41 20.89 23.22
C ASP C 89 21.35 19.70 23.41
N VAL C 90 21.98 19.64 24.59
CA VAL C 90 22.91 18.55 24.88
C VAL C 90 22.15 17.46 25.62
N LEU C 91 21.60 17.78 26.79
CA LEU C 91 20.80 16.80 27.50
C LEU C 91 19.50 16.63 26.73
N GLY C 92 19.31 15.44 26.16
CA GLY C 92 18.08 15.13 25.45
C GLY C 92 18.33 14.67 24.04
N LEU C 93 19.26 15.28 23.31
CA LEU C 93 19.42 14.94 21.90
C LEU C 93 19.94 13.52 21.78
N THR C 94 19.04 12.61 21.39
CA THR C 94 19.36 11.19 21.23
C THR C 94 19.89 10.86 19.85
N PHE C 95 19.36 11.52 18.81
CA PHE C 95 19.87 11.38 17.46
C PHE C 95 19.82 12.76 16.83
N ARG C 96 20.83 13.07 16.00
CA ARG C 96 20.85 14.30 15.19
C ARG C 96 21.65 14.07 13.91
N LYS C 97 20.97 14.20 12.76
CA LYS C 97 21.60 14.03 11.47
C LYS C 97 21.77 15.40 10.84
N ASP C 98 22.99 15.73 10.44
CA ASP C 98 23.31 17.03 9.89
C ASP C 98 23.05 17.01 8.40
N LEU C 99 22.30 18.00 7.94
CA LEU C 99 21.86 18.04 6.56
C LEU C 99 22.43 19.20 5.74
N PHE C 100 22.75 20.33 6.37
CA PHE C 100 23.32 21.45 5.64
C PHE C 100 23.92 22.42 6.63
N VAL C 101 25.19 22.74 6.48
CA VAL C 101 25.86 23.74 7.30
C VAL C 101 26.61 24.71 6.40
N ALA C 102 26.49 26.00 6.70
CA ALA C 102 27.15 27.07 5.97
C ALA C 102 27.71 28.04 6.98
N ASN C 103 28.98 28.40 6.85
CA ASN C 103 29.62 29.35 7.75
C ASN C 103 30.08 30.56 6.95
N VAL C 104 29.67 31.73 7.40
CA VAL C 104 30.04 33.00 6.80
C VAL C 104 30.80 33.79 7.85
N GLN C 105 31.83 34.50 7.40
CA GLN C 105 32.59 35.43 8.23
C GLN C 105 32.10 36.83 7.90
N SER C 106 31.24 37.39 8.76
CA SER C 106 30.61 38.64 8.37
C SER C 106 31.37 39.88 8.78
N PHE C 107 32.03 39.88 9.97
CA PHE C 107 33.10 40.87 10.12
C PHE C 107 34.39 40.20 9.69
N PRO C 108 35.55 40.84 9.80
CA PRO C 108 36.10 41.58 8.66
C PRO C 108 35.70 40.94 7.34
N PRO C 109 35.17 41.73 6.43
CA PRO C 109 34.64 41.21 5.17
C PRO C 109 35.62 40.33 4.41
N ALA C 110 35.27 39.04 4.27
CA ALA C 110 36.11 38.07 3.58
C ALA C 110 36.09 38.32 2.07
N PRO C 111 37.05 37.72 1.33
CA PRO C 111 37.25 38.02 -0.10
C PRO C 111 36.00 38.23 -0.92
N GLU C 112 36.02 39.35 -1.64
CA GLU C 112 34.84 40.01 -2.21
C GLU C 112 34.39 39.35 -3.52
N ASP C 113 34.13 38.06 -3.43
CA ASP C 113 33.54 37.29 -4.53
C ASP C 113 32.07 37.00 -4.30
N LYS C 114 31.60 37.12 -3.06
CA LYS C 114 30.18 36.98 -2.77
C LYS C 114 29.70 38.32 -2.19
N LYS C 115 30.11 39.39 -2.88
CA LYS C 115 29.56 40.74 -2.85
C LYS C 115 28.13 40.87 -3.40
N PRO C 116 27.60 39.98 -4.33
CA PRO C 116 26.26 40.28 -4.86
C PRO C 116 25.28 40.57 -3.75
N LEU C 117 24.93 41.84 -3.60
CA LEU C 117 24.03 42.25 -2.54
C LEU C 117 22.60 42.26 -3.04
N THR C 118 21.68 42.37 -2.10
CA THR C 118 20.30 42.46 -2.49
C THR C 118 19.81 43.87 -2.21
N ARG C 119 18.62 44.14 -2.73
CA ARG C 119 18.07 45.49 -2.70
C ARG C 119 17.69 45.85 -1.28
N LEU C 120 17.27 44.84 -0.50
CA LEU C 120 17.00 44.98 0.94
C LEU C 120 18.27 45.18 1.74
N GLN C 121 19.34 44.47 1.39
CA GLN C 121 20.57 44.56 2.17
C GLN C 121 21.15 45.97 2.08
N GLU C 122 21.10 46.56 0.88
CA GLU C 122 21.60 47.93 0.69
C GLU C 122 20.83 48.93 1.55
N ARG C 123 19.49 48.82 1.58
CA ARG C 123 18.72 49.65 2.52
C ARG C 123 19.17 49.41 3.95
N LEU C 124 19.49 48.16 4.28
CA LEU C 124 19.82 47.79 5.64
C LEU C 124 21.31 47.94 5.96
N ILE C 125 22.06 48.70 5.16
CA ILE C 125 23.37 49.15 5.64
C ILE C 125 23.36 50.67 5.56
N LYS C 126 22.52 51.20 4.66
CA LYS C 126 22.36 52.65 4.59
C LYS C 126 21.55 53.18 5.77
N LYS C 127 20.43 52.51 6.09
CA LYS C 127 19.62 52.94 7.20
C LYS C 127 20.36 52.78 8.52
N LEU C 128 21.24 51.79 8.58
CA LEU C 128 22.04 51.47 9.75
C LEU C 128 23.46 52.03 9.63
N GLY C 129 24.19 51.93 10.74
CA GLY C 129 25.49 52.56 10.82
C GLY C 129 26.50 51.99 9.85
N GLU C 130 27.75 52.43 9.99
CA GLU C 130 28.82 51.81 9.22
C GLU C 130 29.14 50.44 9.75
N HIS C 131 28.55 50.10 10.90
CA HIS C 131 28.71 48.81 11.56
C HIS C 131 27.74 47.76 11.06
N ALA C 132 27.07 47.99 9.93
CA ALA C 132 26.13 47.02 9.37
C ALA C 132 26.85 46.21 8.27
N TYR C 133 27.03 44.91 8.52
CA TYR C 133 27.68 43.97 7.61
C TYR C 133 26.72 42.86 7.23
N PRO C 134 26.60 42.55 5.94
CA PRO C 134 25.54 41.64 5.49
C PRO C 134 26.00 40.18 5.57
N PHE C 135 25.04 39.29 5.35
CA PHE C 135 25.33 37.90 5.09
C PHE C 135 24.31 37.41 4.08
N THR C 136 24.71 36.44 3.28
CA THR C 136 23.82 35.77 2.35
C THR C 136 24.03 34.28 2.49
N PHE C 137 22.93 33.56 2.73
CA PHE C 137 22.90 32.11 2.72
C PHE C 137 22.06 31.65 1.53
N GLU C 138 22.59 30.73 0.76
CA GLU C 138 21.82 30.07 -0.28
C GLU C 138 21.53 28.64 0.15
N ILE C 139 20.24 28.33 0.36
CA ILE C 139 19.80 26.98 0.65
C ILE C 139 19.65 26.23 -0.67
N PRO C 140 20.35 25.12 -0.86
CA PRO C 140 20.16 24.34 -2.09
C PRO C 140 18.78 23.71 -2.13
N PRO C 141 18.26 23.44 -3.32
CA PRO C 141 16.93 22.81 -3.40
C PRO C 141 16.96 21.40 -2.84
N ASN C 142 15.76 20.82 -2.68
CA ASN C 142 15.53 19.43 -2.28
C ASN C 142 15.85 19.13 -0.82
N LEU C 143 16.00 20.13 0.03
CA LEU C 143 16.13 19.84 1.44
C LEU C 143 14.75 19.64 2.03
N PRO C 144 14.64 18.95 3.15
CA PRO C 144 13.35 18.89 3.82
C PRO C 144 12.98 20.28 4.32
N SER C 145 11.73 20.65 4.11
CA SER C 145 11.22 21.86 4.69
C SER C 145 11.15 21.73 6.20
N SER C 146 10.87 22.83 6.88
CA SER C 146 10.82 22.76 8.33
C SER C 146 9.66 21.88 8.76
N VAL C 147 9.93 21.03 9.75
CA VAL C 147 8.93 20.08 10.22
C VAL C 147 9.28 19.69 11.65
N THR C 148 8.24 19.61 12.48
CA THR C 148 8.32 19.05 13.82
C THR C 148 7.10 18.17 14.03
N LEU C 149 7.28 17.10 14.78
CA LEU C 149 6.26 16.09 15.01
C LEU C 149 6.25 15.81 16.49
N GLN C 150 5.07 15.82 17.08
CA GLN C 150 4.94 15.71 18.51
C GLN C 150 4.29 14.37 18.83
N PRO C 151 5.06 13.33 19.12
CA PRO C 151 4.47 12.14 19.72
C PRO C 151 4.11 12.44 21.16
N GLY C 152 3.01 11.85 21.61
CA GLY C 152 2.51 12.08 22.94
C GLY C 152 2.15 10.80 23.67
N PRO C 153 0.90 10.74 24.14
CA PRO C 153 0.40 9.56 24.85
C PRO C 153 0.59 8.28 24.06
N GLU C 154 0.02 8.29 22.86
CA GLU C 154 -0.10 7.09 22.03
C GLU C 154 1.25 6.44 21.75
N ASP C 155 2.32 7.22 21.81
CA ASP C 155 3.55 6.85 21.13
C ASP C 155 4.54 6.17 22.06
N THR C 156 5.63 5.69 21.45
CA THR C 156 6.85 5.27 22.11
C THR C 156 7.99 6.19 21.68
N GLY C 157 7.71 7.49 21.60
CA GLY C 157 8.67 8.44 21.09
C GLY C 157 8.38 9.83 21.61
N LYS C 158 9.34 10.73 21.37
CA LYS C 158 9.29 12.14 21.79
C LYS C 158 9.54 13.08 20.62
N ALA C 159 9.70 14.39 20.90
CA ALA C 159 9.82 15.40 19.86
C ALA C 159 10.89 15.04 18.82
N LEU C 160 10.62 15.33 17.55
CA LEU C 160 11.64 15.16 16.52
C LEU C 160 11.24 16.02 15.34
N GLY C 161 12.23 16.50 14.58
CA GLY C 161 11.94 17.48 13.54
C GLY C 161 13.20 17.96 12.84
N VAL C 162 12.98 18.85 11.88
CA VAL C 162 14.00 19.47 11.03
C VAL C 162 13.99 20.97 11.31
N ASP C 163 15.12 21.54 11.68
CA ASP C 163 15.19 22.97 11.95
C ASP C 163 16.24 23.61 11.08
N TYR C 164 15.99 24.87 10.71
CA TYR C 164 16.94 25.73 10.00
C TYR C 164 17.37 26.82 10.96
N GLU C 165 18.57 26.70 11.51
CA GLU C 165 19.00 27.54 12.63
C GLU C 165 20.10 28.49 12.17
N VAL C 166 19.80 29.80 12.22
CA VAL C 166 20.79 30.84 11.92
C VAL C 166 21.41 31.29 13.23
N LYS C 167 22.75 31.31 13.29
CA LYS C 167 23.47 31.60 14.53
C LYS C 167 24.62 32.53 14.21
N ALA C 168 24.55 33.76 14.73
CA ALA C 168 25.62 34.75 14.63
C ALA C 168 26.31 34.91 15.99
N PHE C 169 27.63 34.85 15.99
CA PHE C 169 28.36 34.81 17.24
C PHE C 169 29.76 35.37 16.99
N VAL C 170 30.36 35.97 18.02
CA VAL C 170 31.66 36.62 17.88
C VAL C 170 32.74 35.65 18.33
N ALA C 171 33.84 35.63 17.59
CA ALA C 171 34.97 34.81 17.99
C ALA C 171 36.22 35.30 17.29
N GLU C 172 37.36 34.86 17.81
CA GLU C 172 38.61 34.91 17.08
C GLU C 172 38.68 33.80 16.04
N ASN C 173 38.11 32.64 16.38
CA ASN C 173 38.62 31.35 15.93
C ASN C 173 37.65 30.61 15.02
N LEU C 174 36.41 30.39 15.47
CA LEU C 174 35.36 29.52 14.93
C LEU C 174 35.59 28.04 15.24
N GLU C 175 36.70 27.65 15.85
CA GLU C 175 36.73 26.43 16.66
C GLU C 175 36.52 26.75 18.13
N GLU C 176 36.42 28.03 18.44
CA GLU C 176 36.21 28.52 19.78
C GLU C 176 34.81 28.15 20.25
N LYS C 177 34.71 27.84 21.54
CA LYS C 177 33.40 27.55 22.12
C LYS C 177 32.54 28.79 22.10
N ILE C 178 31.37 28.68 21.49
CA ILE C 178 30.52 29.83 21.27
C ILE C 178 29.92 30.27 22.60
N HIS C 179 29.71 31.57 22.74
CA HIS C 179 29.29 32.13 24.00
C HIS C 179 27.82 32.51 23.93
N LYS C 180 27.01 31.91 24.81
CA LYS C 180 25.64 32.33 24.99
C LYS C 180 25.58 33.83 25.17
N ARG C 181 26.57 34.37 25.89
CA ARG C 181 26.73 35.80 26.03
C ARG C 181 26.91 36.46 24.67
N ASN C 182 27.70 35.82 23.78
CA ASN C 182 28.12 36.33 22.48
C ASN C 182 27.18 35.98 21.34
N SER C 183 26.28 35.03 21.54
CA SER C 183 25.50 34.48 20.43
C SER C 183 24.23 35.27 20.19
N VAL C 184 23.78 35.26 18.93
CA VAL C 184 22.37 35.39 18.56
C VAL C 184 21.97 34.08 17.89
N ARG C 185 20.79 33.57 18.21
CA ARG C 185 20.30 32.33 17.62
C ARG C 185 18.82 32.46 17.29
N LEU C 186 18.48 32.31 16.00
CA LEU C 186 17.10 32.44 15.57
C LEU C 186 16.71 31.41 14.53
N VAL C 187 15.62 30.68 14.81
CA VAL C 187 15.16 29.56 13.97
C VAL C 187 14.15 30.07 12.95
N ILE C 188 14.61 30.27 11.72
CA ILE C 188 13.76 30.54 10.57
C ILE C 188 13.11 29.25 10.10
N ARG C 189 12.10 29.36 9.24
CA ARG C 189 11.46 28.22 8.57
C ARG C 189 11.77 28.28 7.08
N LYS C 190 11.96 27.12 6.45
CA LYS C 190 11.93 27.01 5.00
C LYS C 190 10.62 26.35 4.63
N VAL C 191 9.71 27.10 4.05
CA VAL C 191 8.38 26.58 3.74
C VAL C 191 8.33 26.25 2.26
N GLN C 192 7.50 25.28 1.91
CA GLN C 192 7.52 24.70 0.57
C GLN C 192 6.31 25.16 -0.22
N TYR C 193 6.55 25.57 -1.45
CA TYR C 193 5.49 26.01 -2.33
C TYR C 193 5.48 25.12 -3.58
N ALA C 194 4.27 24.82 -4.06
CA ALA C 194 4.07 24.17 -5.33
C ALA C 194 2.99 24.92 -6.12
N PRO C 195 3.17 25.05 -7.44
CA PRO C 195 2.18 25.78 -8.24
C PRO C 195 1.08 24.86 -8.72
N GLU C 196 -0.14 25.39 -8.71
CA GLU C 196 -1.28 24.62 -9.18
C GLU C 196 -0.99 24.19 -10.59
N ARG C 197 -0.86 22.87 -10.81
CA ARG C 197 -0.71 22.37 -12.16
C ARG C 197 -2.03 21.78 -12.61
N PRO C 198 -2.65 22.36 -13.63
CA PRO C 198 -3.93 21.83 -14.10
C PRO C 198 -3.74 20.53 -14.86
N GLY C 199 -4.82 20.00 -15.43
CA GLY C 199 -4.83 18.69 -16.04
C GLY C 199 -6.05 17.92 -15.59
N PRO C 200 -5.93 16.61 -15.44
CA PRO C 200 -7.00 15.86 -14.79
C PRO C 200 -6.93 16.07 -13.28
N GLN C 201 -8.07 16.33 -12.67
CA GLN C 201 -8.14 16.43 -11.22
C GLN C 201 -8.09 15.03 -10.60
N PRO C 202 -7.81 14.92 -9.30
CA PRO C 202 -7.94 13.61 -8.62
C PRO C 202 -9.34 13.02 -8.75
N THR C 203 -9.38 11.71 -9.09
CA THR C 203 -10.58 10.87 -9.13
C THR C 203 -10.29 9.52 -8.49
N ALA C 204 -11.32 8.90 -7.92
CA ALA C 204 -11.26 7.52 -7.48
C ALA C 204 -12.66 6.96 -7.47
N GLU C 205 -12.78 5.64 -7.68
CA GLU C 205 -14.08 4.98 -7.67
C GLU C 205 -13.94 3.51 -7.32
N THR C 206 -15.01 2.93 -6.77
CA THR C 206 -15.06 1.50 -6.46
C THR C 206 -16.50 1.01 -6.61
N THR C 207 -16.62 -0.30 -6.91
CA THR C 207 -17.90 -1.00 -7.07
C THR C 207 -17.97 -2.20 -6.14
N ARG C 208 -19.04 -2.28 -5.35
CA ARG C 208 -19.24 -3.36 -4.39
C ARG C 208 -20.50 -4.13 -4.76
N GLN C 209 -20.45 -5.44 -4.54
CA GLN C 209 -21.62 -6.30 -4.62
C GLN C 209 -21.63 -7.09 -3.33
N PHE C 210 -22.72 -7.00 -2.59
CA PHE C 210 -22.81 -7.66 -1.29
C PHE C 210 -23.41 -9.06 -1.41
N LEU C 211 -23.44 -9.78 -0.29
CA LEU C 211 -23.86 -11.17 -0.34
C LEU C 211 -25.27 -11.30 -0.91
N MET C 212 -25.48 -12.39 -1.66
CA MET C 212 -26.76 -12.87 -2.20
C MET C 212 -27.33 -12.03 -3.34
N SER C 213 -26.62 -11.02 -3.84
CA SER C 213 -27.11 -10.19 -4.93
C SER C 213 -25.94 -9.77 -5.81
N ASP C 214 -26.26 -9.50 -7.07
CA ASP C 214 -25.31 -9.04 -8.08
C ASP C 214 -25.50 -7.57 -8.40
N LYS C 215 -26.35 -6.90 -7.65
CA LYS C 215 -26.65 -5.49 -7.82
C LYS C 215 -25.52 -4.69 -7.20
N PRO C 216 -24.88 -3.80 -7.95
CA PRO C 216 -23.70 -3.10 -7.46
C PRO C 216 -24.05 -1.84 -6.70
N LEU C 217 -23.20 -1.48 -5.76
CA LEU C 217 -23.18 -0.13 -5.24
C LEU C 217 -21.90 0.51 -5.75
N HIS C 218 -22.03 1.64 -6.43
CA HIS C 218 -20.90 2.29 -7.09
C HIS C 218 -20.69 3.66 -6.45
N LEU C 219 -19.46 3.93 -6.04
CA LEU C 219 -19.07 5.20 -5.44
C LEU C 219 -17.94 5.81 -6.27
N GLU C 220 -18.06 7.09 -6.59
CA GLU C 220 -17.07 7.85 -7.34
C GLU C 220 -16.82 9.16 -6.65
N ALA C 221 -15.56 9.58 -6.57
CA ALA C 221 -15.24 10.82 -5.90
C ALA C 221 -14.18 11.56 -6.70
N SER C 222 -14.08 12.86 -6.43
CA SER C 222 -13.19 13.74 -7.17
C SER C 222 -12.97 15.00 -6.35
N LEU C 223 -11.76 15.54 -6.45
CA LEU C 223 -11.41 16.80 -5.81
C LEU C 223 -11.25 17.86 -6.89
N ASP C 224 -11.65 19.09 -6.59
CA ASP C 224 -11.44 20.16 -7.56
C ASP C 224 -9.97 20.31 -7.95
N LYS C 225 -9.02 20.24 -7.00
CA LYS C 225 -7.64 20.44 -7.40
C LYS C 225 -6.76 19.29 -6.89
N GLU C 226 -5.48 19.40 -7.18
CA GLU C 226 -4.45 18.52 -6.67
C GLU C 226 -3.60 19.20 -5.61
N ILE C 227 -3.27 20.46 -5.85
CA ILE C 227 -2.34 21.26 -5.08
C ILE C 227 -3.16 22.25 -4.30
N TYR C 228 -3.41 21.96 -3.03
CA TYR C 228 -4.07 22.90 -2.16
C TYR C 228 -3.02 23.71 -1.42
N TYR C 229 -3.47 24.76 -0.74
CA TYR C 229 -2.61 25.61 0.08
C TYR C 229 -3.28 25.72 1.42
N HIS C 230 -2.49 25.99 2.46
CA HIS C 230 -3.03 26.02 3.82
C HIS C 230 -4.26 26.92 3.89
N GLY C 231 -5.28 26.48 4.63
CA GLY C 231 -6.47 27.27 4.82
C GLY C 231 -7.47 27.16 3.70
N GLU C 232 -7.03 26.80 2.51
CA GLU C 232 -7.91 26.59 1.38
C GLU C 232 -8.90 25.46 1.66
N PRO C 233 -10.16 25.60 1.26
CA PRO C 233 -11.08 24.47 1.31
C PRO C 233 -10.84 23.52 0.15
N ILE C 234 -11.29 22.29 0.37
CA ILE C 234 -11.19 21.19 -0.58
C ILE C 234 -12.61 20.71 -0.87
N SER C 235 -12.95 20.61 -2.15
CA SER C 235 -14.30 20.26 -2.55
C SER C 235 -14.36 18.85 -3.13
N VAL C 236 -14.96 17.94 -2.36
CA VAL C 236 -15.13 16.54 -2.73
C VAL C 236 -16.45 16.39 -3.46
N ASN C 237 -16.38 15.96 -4.72
CA ASN C 237 -17.57 15.68 -5.52
C ASN C 237 -17.90 14.21 -5.42
N VAL C 238 -19.10 13.89 -4.97
CA VAL C 238 -19.47 12.51 -4.66
C VAL C 238 -20.57 12.07 -5.59
N HIS C 239 -20.42 10.89 -6.21
CA HIS C 239 -21.51 10.25 -6.91
C HIS C 239 -21.67 8.83 -6.37
N VAL C 240 -22.90 8.47 -6.02
CA VAL C 240 -23.22 7.15 -5.51
C VAL C 240 -24.35 6.58 -6.36
N THR C 241 -24.05 5.56 -7.18
CA THR C 241 -25.11 4.76 -7.81
C THR C 241 -25.36 3.52 -6.95
N ASN C 242 -26.49 3.50 -6.23
CA ASN C 242 -26.92 2.34 -5.44
C ASN C 242 -27.96 1.58 -6.27
N ASN C 243 -27.52 0.53 -6.97
CA ASN C 243 -28.46 -0.39 -7.59
C ASN C 243 -28.89 -1.49 -6.64
N THR C 244 -28.32 -1.54 -5.44
CA THR C 244 -28.62 -2.58 -4.47
C THR C 244 -29.98 -2.36 -3.82
N ASN C 245 -30.27 -3.24 -2.88
CA ASN C 245 -31.48 -3.15 -2.09
C ASN C 245 -31.23 -2.46 -0.75
N LYS C 246 -30.05 -1.86 -0.59
CA LYS C 246 -29.55 -1.35 0.68
C LYS C 246 -29.54 0.16 0.69
N THR C 247 -29.57 0.70 1.91
CA THR C 247 -29.56 2.14 2.15
C THR C 247 -28.18 2.58 2.65
N VAL C 248 -27.71 3.73 2.15
CA VAL C 248 -26.51 4.35 2.68
C VAL C 248 -26.92 5.16 3.92
N LYS C 249 -26.61 4.59 5.09
CA LYS C 249 -27.02 5.14 6.38
C LYS C 249 -26.39 6.51 6.64
N LYS C 250 -25.12 6.69 6.26
CA LYS C 250 -24.42 7.97 6.35
C LYS C 250 -23.34 8.05 5.27
N ILE C 251 -22.86 9.27 5.03
CA ILE C 251 -21.70 9.57 4.21
C ILE C 251 -20.67 10.21 5.12
N LYS C 252 -19.41 9.76 5.03
CA LYS C 252 -18.33 10.27 5.88
C LYS C 252 -17.17 10.71 4.99
N ILE C 253 -16.90 12.02 4.94
CA ILE C 253 -15.74 12.59 4.23
C ILE C 253 -14.69 12.98 5.25
N SER C 254 -13.43 12.67 4.96
CA SER C 254 -12.37 12.94 5.92
C SER C 254 -11.04 13.26 5.24
N VAL C 255 -10.15 13.92 6.00
CA VAL C 255 -8.79 14.23 5.60
C VAL C 255 -7.83 13.61 6.62
N ARG C 256 -6.84 12.87 6.12
CA ARG C 256 -5.84 12.22 6.97
C ARG C 256 -4.46 12.71 6.57
N GLN C 257 -3.63 12.98 7.57
CA GLN C 257 -2.21 13.16 7.38
C GLN C 257 -1.51 11.87 7.74
N TYR C 258 -0.57 11.46 6.90
CA TYR C 258 0.33 10.34 7.18
C TYR C 258 1.75 10.89 7.26
N ALA C 259 2.46 10.62 8.36
CA ALA C 259 3.84 11.08 8.54
C ALA C 259 4.75 9.89 8.82
N ASP C 260 5.55 9.49 7.84
CA ASP C 260 6.47 8.37 8.00
C ASP C 260 7.78 8.94 8.50
N ILE C 261 8.16 8.57 9.73
CA ILE C 261 9.54 8.77 10.16
C ILE C 261 10.43 7.78 9.43
N VAL C 262 11.47 8.30 8.77
CA VAL C 262 12.38 7.43 8.04
C VAL C 262 13.75 7.36 8.68
N LEU C 263 14.02 8.19 9.68
CA LEU C 263 15.34 8.26 10.32
C LEU C 263 15.26 7.78 11.76
N PHE C 264 16.30 7.04 12.16
CA PHE C 264 16.44 6.53 13.54
C PHE C 264 15.33 5.56 13.94
N ASN C 265 14.37 6.03 14.72
CA ASN C 265 13.26 5.21 15.20
C ASN C 265 12.10 5.34 14.22
N THR C 266 12.08 4.48 13.21
CA THR C 266 11.02 4.60 12.22
C THR C 266 9.66 4.42 12.89
N ALA C 267 8.64 4.95 12.22
CA ALA C 267 7.26 4.88 12.67
C ALA C 267 6.39 5.42 11.55
N GLN C 268 5.15 4.96 11.51
CA GLN C 268 4.15 5.48 10.62
C GLN C 268 3.01 5.97 11.49
N TYR C 269 2.71 7.24 11.40
CA TYR C 269 1.61 7.86 12.12
C TYR C 269 0.50 8.13 11.12
N LYS C 270 -0.69 8.39 11.63
CA LYS C 270 -1.84 8.63 10.79
C LYS C 270 -2.83 9.44 11.61
N VAL C 271 -3.28 10.57 11.09
CA VAL C 271 -4.13 11.46 11.90
C VAL C 271 -5.18 12.11 11.01
N PRO C 272 -6.47 11.90 11.29
CA PRO C 272 -7.49 12.72 10.63
C PRO C 272 -7.34 14.18 11.05
N VAL C 273 -7.42 15.07 10.07
CA VAL C 273 -7.27 16.50 10.32
C VAL C 273 -8.48 17.28 9.84
N ALA C 274 -9.53 16.59 9.41
CA ALA C 274 -10.77 17.16 8.92
C ALA C 274 -11.78 16.02 8.85
N MET C 275 -13.04 16.31 9.12
CA MET C 275 -14.02 15.23 9.14
C MET C 275 -15.43 15.80 9.00
N GLU C 276 -16.17 15.30 8.01
CA GLU C 276 -17.59 15.63 7.84
C GLU C 276 -18.35 14.33 7.68
N GLU C 277 -19.12 13.97 8.69
CA GLU C 277 -20.03 12.83 8.66
C GLU C 277 -21.46 13.34 8.53
N ALA C 278 -21.95 13.46 7.30
CA ALA C 278 -23.27 14.02 7.05
C ALA C 278 -24.34 12.93 7.15
N ASP C 279 -25.56 13.37 7.49
CA ASP C 279 -26.69 12.48 7.73
C ASP C 279 -27.40 12.07 6.46
N ASP C 280 -26.92 12.55 5.31
CA ASP C 280 -27.45 12.24 3.98
C ASP C 280 -27.50 10.75 3.73
N THR C 281 -28.54 10.33 2.98
CA THR C 281 -28.86 8.93 2.76
C THR C 281 -29.08 8.65 1.28
N VAL C 282 -28.55 7.53 0.81
CA VAL C 282 -28.88 7.00 -0.51
C VAL C 282 -29.81 5.81 -0.31
N ALA C 283 -31.07 5.98 -0.69
CA ALA C 283 -32.08 4.96 -0.52
C ALA C 283 -31.94 3.90 -1.60
N PRO C 284 -32.47 2.69 -1.37
CA PRO C 284 -32.27 1.59 -2.31
C PRO C 284 -32.75 1.91 -3.72
N SER C 285 -32.05 1.35 -4.69
CA SER C 285 -32.29 1.62 -6.12
C SER C 285 -32.51 3.11 -6.39
N SER C 286 -31.54 3.91 -5.94
CA SER C 286 -31.53 5.35 -6.17
C SER C 286 -30.11 5.75 -6.52
N THR C 287 -29.90 7.00 -6.92
CA THR C 287 -28.54 7.54 -7.04
C THR C 287 -28.45 8.87 -6.30
N PHE C 288 -27.24 9.44 -6.24
CA PHE C 288 -27.00 10.57 -5.36
C PHE C 288 -25.72 11.28 -5.80
N SER C 289 -25.69 12.60 -5.62
CA SER C 289 -24.47 13.36 -5.83
C SER C 289 -24.52 14.63 -5.02
N LYS C 290 -23.39 15.00 -4.44
CA LYS C 290 -23.28 16.17 -3.58
C LYS C 290 -21.81 16.52 -3.49
N VAL C 291 -21.51 17.82 -3.50
CA VAL C 291 -20.14 18.29 -3.41
C VAL C 291 -19.88 18.74 -1.97
N TYR C 292 -18.96 18.08 -1.30
CA TYR C 292 -18.65 18.38 0.08
C TYR C 292 -17.37 19.18 0.18
N THR C 293 -17.34 20.09 1.14
CA THR C 293 -16.24 21.01 1.33
C THR C 293 -15.86 21.03 2.80
N LEU C 294 -14.62 20.66 3.06
CA LEU C 294 -14.00 20.66 4.37
C LEU C 294 -12.54 21.10 4.22
N THR C 295 -11.98 21.62 5.31
CA THR C 295 -10.64 22.19 5.33
C THR C 295 -9.88 21.65 6.54
N PRO C 296 -8.69 21.06 6.33
CA PRO C 296 -7.85 20.66 7.46
C PRO C 296 -7.18 21.86 8.14
N PHE C 297 -7.24 21.91 9.47
CA PHE C 297 -6.90 23.15 10.16
C PHE C 297 -5.76 23.08 11.15
N LEU C 298 -5.78 22.11 12.07
CA LEU C 298 -4.90 22.02 13.23
C LEU C 298 -5.23 23.06 14.28
N ALA C 299 -5.94 24.10 13.87
CA ALA C 299 -6.28 25.17 14.81
C ALA C 299 -7.08 24.58 15.94
N ASN C 300 -7.87 23.57 15.60
CA ASN C 300 -8.74 22.85 16.49
C ASN C 300 -7.92 22.02 17.48
N ASN C 301 -8.08 22.33 18.78
CA ASN C 301 -7.49 21.68 19.96
C ASN C 301 -5.96 21.62 19.88
N ARG C 302 -5.37 22.34 18.94
CA ARG C 302 -3.93 22.32 18.67
C ARG C 302 -3.35 20.88 18.77
N GLU C 303 -3.91 20.01 17.93
CA GLU C 303 -3.37 18.77 17.34
C GLU C 303 -3.12 17.59 18.29
N LYS C 304 -3.34 17.71 19.61
CA LYS C 304 -3.11 16.58 20.52
C LYS C 304 -1.72 15.96 20.36
N ARG C 305 -1.59 14.84 19.62
CA ARG C 305 -0.31 14.16 19.47
C ARG C 305 -0.19 13.56 18.09
N GLY C 306 1.07 13.31 17.68
CA GLY C 306 1.49 12.61 16.48
C GLY C 306 1.38 13.37 15.16
N LEU C 307 1.09 14.66 15.18
CA LEU C 307 0.79 15.42 13.97
C LEU C 307 2.03 16.15 13.47
N ALA C 308 2.35 15.98 12.20
CA ALA C 308 3.46 16.69 11.55
C ALA C 308 3.08 18.15 11.33
N LEU C 309 3.61 19.06 12.15
CA LEU C 309 3.46 20.50 11.96
C LEU C 309 4.69 21.03 11.22
N ASP C 310 4.60 22.25 10.69
CA ASP C 310 5.78 22.84 10.06
C ASP C 310 6.51 23.79 11.00
N GLY C 311 6.19 23.74 12.27
CA GLY C 311 6.73 24.68 13.21
C GLY C 311 6.40 24.22 14.61
N LYS C 312 6.60 25.11 15.56
CA LYS C 312 6.33 24.77 16.94
C LYS C 312 4.85 24.98 17.21
N LEU C 313 4.28 24.07 18.02
CA LEU C 313 2.85 24.13 18.31
C LEU C 313 2.50 25.48 18.92
N LYS C 314 3.41 26.03 19.71
CA LYS C 314 3.20 27.24 20.50
C LYS C 314 2.96 28.47 19.64
N HIS C 315 3.28 28.43 18.35
CA HIS C 315 3.15 29.62 17.51
C HIS C 315 1.90 29.58 16.67
N GLU C 316 1.14 30.68 16.71
CA GLU C 316 0.07 30.88 15.74
C GLU C 316 0.65 30.90 14.34
N ASP C 317 1.96 31.08 14.26
CA ASP C 317 2.65 31.21 12.99
C ASP C 317 2.51 29.94 12.15
N THR C 318 2.56 28.79 12.80
CA THR C 318 2.81 27.50 12.15
C THR C 318 1.53 26.83 11.65
N ASN C 319 1.69 26.03 10.59
CA ASN C 319 0.64 25.27 9.92
C ASN C 319 0.74 23.78 10.24
N LEU C 320 -0.21 23.03 9.69
CA LEU C 320 -0.02 21.61 9.44
C LEU C 320 1.07 21.45 8.40
N ALA C 321 1.97 20.49 8.61
CA ALA C 321 3.15 20.42 7.72
C ALA C 321 2.73 20.42 6.26
N SER C 322 3.60 20.81 5.35
CA SER C 322 3.33 20.60 3.94
C SER C 322 3.77 19.19 3.51
N SER C 323 3.20 18.70 2.41
CA SER C 323 3.60 17.39 1.89
C SER C 323 5.04 17.40 1.41
N THR C 324 5.79 16.34 1.73
CA THR C 324 7.13 16.25 1.16
C THR C 324 7.02 15.89 -0.32
N LEU C 325 7.73 16.64 -1.15
CA LEU C 325 7.70 16.45 -2.60
C LEU C 325 8.75 15.42 -2.97
N LEU C 326 8.31 14.33 -3.58
CA LEU C 326 9.23 13.27 -3.94
C LEU C 326 9.62 13.38 -5.41
N ARG C 327 10.78 12.81 -5.74
CA ARG C 327 11.27 12.80 -7.10
C ARG C 327 11.72 11.39 -7.48
N GLU C 328 11.72 11.11 -8.78
CA GLU C 328 12.39 9.92 -9.27
C GLU C 328 13.88 10.01 -8.96
N GLY C 329 14.40 8.94 -8.36
CA GLY C 329 15.79 8.87 -7.95
C GLY C 329 16.08 9.49 -6.61
N ALA C 330 15.09 10.12 -5.99
CA ALA C 330 15.28 10.84 -4.74
C ALA C 330 15.70 9.89 -3.62
N ASN C 331 16.69 10.31 -2.83
CA ASN C 331 17.09 9.61 -1.60
C ASN C 331 16.03 9.86 -0.53
N ARG C 332 15.24 8.82 -0.21
CA ARG C 332 14.00 9.00 0.55
C ARG C 332 14.25 9.29 2.03
N GLU C 333 15.31 8.72 2.59
CA GLU C 333 15.52 8.70 4.03
C GLU C 333 16.10 10.00 4.58
N ILE C 334 16.80 10.77 3.75
CA ILE C 334 17.50 11.97 4.20
C ILE C 334 16.51 13.13 4.27
N LEU C 335 15.23 12.84 4.03
CA LEU C 335 14.14 13.77 4.23
C LEU C 335 13.53 13.72 5.63
N GLY C 336 13.90 12.71 6.44
CA GLY C 336 13.56 12.58 7.85
C GLY C 336 12.16 12.08 8.15
N ILE C 337 11.17 12.85 7.71
CA ILE C 337 9.76 12.49 7.83
C ILE C 337 9.17 12.65 6.45
N ILE C 338 8.46 11.63 5.96
CA ILE C 338 7.69 11.74 4.73
C ILE C 338 6.25 12.08 5.09
N VAL C 339 5.80 13.27 4.67
CA VAL C 339 4.47 13.78 4.99
C VAL C 339 3.64 13.78 3.72
N SER C 340 2.41 13.26 3.82
CA SER C 340 1.46 13.14 2.72
C SER C 340 0.04 13.10 3.27
N TYR C 341 -0.93 13.54 2.47
CA TYR C 341 -2.33 13.62 2.87
C TYR C 341 -3.24 12.92 1.85
N LYS C 342 -4.32 12.33 2.36
CA LYS C 342 -5.37 11.74 1.53
C LYS C 342 -6.75 12.14 2.06
N VAL C 343 -7.70 12.30 1.13
CA VAL C 343 -9.12 12.42 1.44
C VAL C 343 -9.76 11.03 1.39
N LYS C 344 -10.56 10.68 2.40
CA LYS C 344 -11.31 9.42 2.34
C LYS C 344 -12.80 9.71 2.36
N VAL C 345 -13.52 9.06 1.45
CA VAL C 345 -14.97 9.17 1.30
C VAL C 345 -15.54 7.79 1.62
N LYS C 346 -16.28 7.68 2.71
CA LYS C 346 -16.83 6.41 3.13
C LYS C 346 -18.35 6.47 3.07
N LEU C 347 -18.94 5.49 2.39
CA LEU C 347 -20.35 5.19 2.50
C LEU C 347 -20.50 4.08 3.55
N VAL C 348 -21.41 4.29 4.52
CA VAL C 348 -21.78 3.25 5.46
C VAL C 348 -23.16 2.74 5.09
N VAL C 349 -23.26 1.43 4.92
CA VAL C 349 -24.35 0.75 4.27
C VAL C 349 -25.03 -0.14 5.30
N SER C 350 -26.35 -0.29 5.16
CA SER C 350 -27.18 -1.21 5.92
C SER C 350 -28.57 -1.15 5.33
N ARG C 351 -29.42 -2.06 5.79
CA ARG C 351 -30.83 -2.10 5.43
C ARG C 351 -31.61 -2.46 6.69
N GLY C 352 -32.35 -1.49 7.23
CA GLY C 352 -33.33 -1.73 8.27
C GLY C 352 -32.94 -2.66 9.40
N GLY C 353 -33.90 -3.45 9.87
CA GLY C 353 -33.68 -4.43 10.92
C GLY C 353 -33.73 -5.88 10.47
N ALA C 359 -24.23 -6.01 11.88
CA ALA C 359 -23.15 -6.40 10.97
C ALA C 359 -23.30 -5.71 9.60
N SER C 360 -22.80 -4.48 9.50
CA SER C 360 -23.03 -3.61 8.35
C SER C 360 -21.70 -3.28 7.65
N SER C 361 -21.76 -3.14 6.32
CA SER C 361 -20.57 -3.02 5.46
C SER C 361 -20.38 -1.61 4.94
N ASP C 362 -19.13 -1.25 4.61
CA ASP C 362 -18.80 0.10 4.18
C ASP C 362 -18.00 0.08 2.88
N VAL C 363 -18.35 0.99 1.97
CA VAL C 363 -17.71 1.15 0.68
C VAL C 363 -16.98 2.52 0.67
N ALA C 364 -15.67 2.51 0.44
CA ALA C 364 -14.90 3.75 0.52
C ALA C 364 -13.82 3.78 -0.55
N VAL C 365 -13.41 5.01 -0.89
CA VAL C 365 -12.32 5.30 -1.81
C VAL C 365 -11.44 6.36 -1.16
N GLU C 366 -10.21 6.47 -1.63
CA GLU C 366 -9.30 7.48 -1.10
C GLU C 366 -8.65 8.22 -2.25
N LEU C 367 -8.39 9.51 -2.01
CA LEU C 367 -7.81 10.39 -3.02
C LEU C 367 -6.67 11.22 -2.44
N PRO C 368 -5.46 11.09 -2.97
CA PRO C 368 -4.37 11.95 -2.51
C PRO C 368 -4.48 13.39 -3.01
N PHE C 369 -3.90 14.30 -2.25
CA PHE C 369 -3.67 15.66 -2.72
C PHE C 369 -2.38 16.17 -2.09
N THR C 370 -1.89 17.30 -2.61
CA THR C 370 -0.65 17.93 -2.14
C THR C 370 -0.99 19.18 -1.36
N LEU C 371 -0.75 19.17 -0.04
CA LEU C 371 -0.92 20.35 0.79
C LEU C 371 0.37 21.14 0.78
N MET C 372 0.29 22.39 0.38
CA MET C 372 1.41 23.29 0.20
C MET C 372 1.15 24.57 0.97
N HIS C 373 2.16 25.43 0.99
CA HIS C 373 2.20 26.73 1.64
C HIS C 373 1.79 27.81 0.66
N PRO C 374 0.89 28.72 1.01
CA PRO C 374 0.55 29.79 0.08
C PRO C 374 1.73 30.71 -0.11
N LYS C 375 1.84 31.31 -1.32
CA LYS C 375 2.85 32.36 -1.43
C LYS C 375 2.32 33.66 -0.81
N PRO C 376 3.17 34.39 -0.07
CA PRO C 376 2.72 35.64 0.59
C PRO C 376 2.38 36.80 -0.34
N LYS C 377 3.30 37.15 -1.23
CA LYS C 377 3.20 38.43 -1.96
C LYS C 377 3.44 38.25 -3.45
N GLU C 378 2.43 38.66 -4.23
CA GLU C 378 2.58 39.12 -5.60
C GLU C 378 1.69 40.35 -5.80
N GLU C 379 1.12 40.91 -4.73
CA GLU C 379 0.31 42.11 -4.83
C GLU C 379 1.18 43.37 -4.87
N ASP C 403 14.18 57.52 2.17
CA ASP C 403 13.21 56.85 1.32
C ASP C 403 13.10 55.37 1.69
N ASP C 404 13.27 55.05 2.98
CA ASP C 404 13.29 53.66 3.39
C ASP C 404 12.00 53.23 4.08
N ASP C 405 11.61 53.94 5.15
CA ASP C 405 10.47 53.55 5.99
C ASP C 405 10.58 52.08 6.40
N ILE C 406 11.81 51.66 6.70
CA ILE C 406 12.08 50.34 7.26
C ILE C 406 11.86 50.43 8.77
N VAL C 407 10.98 49.58 9.29
CA VAL C 407 10.63 49.63 10.70
C VAL C 407 10.76 48.24 11.31
N PHE C 408 11.27 48.19 12.54
CA PHE C 408 11.69 46.93 13.14
C PHE C 408 10.54 46.18 13.78
N GLU C 409 10.52 44.88 13.55
CA GLU C 409 9.75 43.97 14.37
C GLU C 409 10.70 43.18 15.25
N ASP C 410 10.29 42.92 16.48
CA ASP C 410 11.04 42.01 17.30
C ASP C 410 10.89 40.60 16.73
N PHE C 411 12.00 40.03 16.25
CA PHE C 411 11.96 38.68 15.72
C PHE C 411 11.56 37.78 16.88
N ALA C 412 10.32 37.33 16.80
CA ALA C 412 9.74 36.33 17.66
C ALA C 412 8.42 35.95 17.00
N ARG C 413 8.13 34.67 17.01
CA ARG C 413 6.85 34.20 16.54
C ARG C 413 5.83 34.37 17.69
N GLN C 414 4.56 34.60 17.33
CA GLN C 414 3.61 35.21 18.29
C GLN C 414 2.94 34.22 19.26
N ASP D 3 31.68 18.58 4.34
CA ASP D 3 31.80 18.86 5.77
C ASP D 3 32.11 20.34 6.06
N ASP D 4 31.17 21.24 5.77
CA ASP D 4 31.43 22.69 5.84
C ASP D 4 31.12 23.24 7.24
N GLY D 5 31.90 22.79 8.23
CA GLY D 5 31.66 23.07 9.64
C GLY D 5 30.52 22.23 10.20
N VAL D 6 30.56 21.87 11.48
CA VAL D 6 29.61 20.92 12.09
C VAL D 6 29.54 21.14 13.60
N SER D 7 28.38 20.78 14.18
CA SER D 7 28.09 20.76 15.62
C SER D 7 27.64 22.10 16.25
N ASP D 12 15.88 29.66 20.78
CA ASP D 12 14.79 30.52 20.34
C ASP D 12 13.42 30.06 20.91
N CYS D 13 12.33 30.52 20.26
CA CYS D 13 10.96 30.03 20.48
C CYS D 13 10.47 30.27 21.92
N LEU D 14 10.31 31.55 22.26
CA LEU D 14 9.97 31.97 23.63
C LEU D 14 8.46 31.97 23.90
N ASP D 15 8.04 31.31 25.01
CA ASP D 15 6.63 31.29 25.42
C ASP D 15 6.37 31.53 26.90
N GLN D 16 7.40 31.60 27.74
CA GLN D 16 7.21 31.77 29.18
C GLN D 16 6.23 30.76 29.77
#